data_2USH
#
_entry.id   2USH
#
_cell.length_a   93.210
_cell.length_b   116.290
_cell.length_c   132.770
_cell.angle_alpha   90.00
_cell.angle_beta   90.00
_cell.angle_gamma   90.00
#
_symmetry.space_group_name_H-M   'P 21 21 21'
#
loop_
_entity.id
_entity.type
_entity.pdbx_description
1 polymer "5'-NUCLEOTIDASE"
2 non-polymer 'ZINC ION'
3 non-polymer TUNGSTATE(VI)ION
4 water water
#
_entity_poly.entity_id   1
_entity_poly.type   'polypeptide(L)'
_entity_poly.pdbx_seq_one_letter_code
;MKLLQRGVALALLTTFTLASETALAYEQDKTYKITVLHTNDHHGHFWRNEYGEYGLAAQKTLVDGIRKEVAAEGGSVLLL
SGGDINTGVPESDLQDAEPDFRGMNLVGYDAMAIGNHEFDNPLTVLRQQEKWAKFPLLSANIYQKSTGERLFKPWALFKR
QDLKIAVIGLTTDDTAKIGNPEYFTDIEFRKPADEAKLVIQELQQTEKPDIIIAATHMGHYDNGEHGSNAPGDVEMARAL
PAGSLAMIVGGHSQDPVCMAAENKKQVDYVPGTPCKPDQQNGIWIVQAHEWGKYVGRADFEFRNGEMKMVNYQLIPVNLK
KKVTWEDGKSERVLYTPEIAENQQMISLLSPFQNKGKAQLEVKIGETNGRLEGDRDKVRFVQTNMGRLILAAQMDRTGAD
FAVMSGGGIRDSIEAGDISYKNVLKVQPFGNVVVYADMTGKEVIDYLTAVAQMKPDSGAYPQFANVSFVAKDGKLNDLKI
KGEPVDPAKTYRMATLNFNATGGDGYPRLDNKPGYVNTGFIDAEVLKAYIQKSSPLDVSVYEPKGEVSWQ
;
_entity_poly.pdbx_strand_id   A,B
#
loop_
_chem_comp.id
_chem_comp.type
_chem_comp.name
_chem_comp.formula
WO4 non-polymer TUNGSTATE(VI)ION 'O4 W -2'
ZN non-polymer 'ZINC ION' 'Zn 2'
#
# COMPACT_ATOMS: atom_id res chain seq x y z
N TYR A 26 1.54 -29.47 46.06
CA TYR A 26 2.80 -29.33 45.28
C TYR A 26 4.00 -29.53 46.18
N GLU A 27 5.11 -30.02 45.65
CA GLU A 27 6.27 -30.17 46.51
C GLU A 27 6.72 -28.76 46.87
N GLN A 28 6.86 -28.58 48.17
CA GLN A 28 7.26 -27.35 48.79
C GLN A 28 8.59 -26.92 48.19
N ASP A 29 8.66 -25.64 47.87
CA ASP A 29 9.90 -25.08 47.38
C ASP A 29 10.47 -25.72 46.10
N LYS A 30 9.61 -25.89 45.09
CA LYS A 30 9.94 -26.47 43.76
C LYS A 30 9.39 -25.55 42.70
N THR A 31 10.13 -25.34 41.63
CA THR A 31 9.63 -24.49 40.54
C THR A 31 8.92 -25.30 39.47
N TYR A 32 7.61 -25.08 39.33
CA TYR A 32 6.81 -25.73 38.31
C TYR A 32 6.68 -24.76 37.14
N LYS A 33 6.86 -25.26 35.92
CA LYS A 33 6.78 -24.42 34.73
C LYS A 33 5.45 -24.64 34.00
N ILE A 34 4.73 -23.55 33.73
CA ILE A 34 3.45 -23.64 33.05
C ILE A 34 3.38 -22.60 31.93
N THR A 35 3.03 -23.05 30.74
CA THR A 35 2.86 -22.16 29.59
C THR A 35 1.36 -22.10 29.26
N VAL A 36 0.82 -20.90 29.10
CA VAL A 36 -0.59 -20.77 28.73
C VAL A 36 -0.67 -20.20 27.32
N LEU A 37 -1.32 -20.93 26.40
CA LEU A 37 -1.48 -20.50 25.01
C LEU A 37 -2.93 -20.06 24.87
N HIS A 38 -3.21 -19.01 24.10
CA HIS A 38 -4.59 -18.59 23.98
C HIS A 38 -4.94 -17.90 22.67
N THR A 39 -6.19 -18.01 22.28
CA THR A 39 -6.70 -17.35 21.09
C THR A 39 -8.13 -16.95 21.49
N ASN A 40 -8.78 -16.14 20.65
CA ASN A 40 -10.15 -15.69 20.86
C ASN A 40 -10.74 -15.14 19.59
N ASP A 41 -12.07 -15.06 19.54
CA ASP A 41 -12.76 -14.48 18.39
C ASP A 41 -12.30 -15.00 17.04
N HIS A 42 -12.30 -16.34 16.98
CA HIS A 42 -11.95 -17.15 15.82
C HIS A 42 -12.87 -16.79 14.65
N HIS A 43 -14.16 -16.65 14.95
CA HIS A 43 -15.14 -16.28 13.95
C HIS A 43 -15.18 -16.92 12.55
N GLY A 44 -15.19 -18.25 12.50
CA GLY A 44 -15.29 -18.95 11.24
C GLY A 44 -14.04 -19.07 10.42
N HIS A 45 -12.93 -18.59 10.94
CA HIS A 45 -11.71 -18.61 10.15
C HIS A 45 -10.89 -19.89 10.25
N PHE A 46 -11.54 -21.01 9.95
CA PHE A 46 -10.86 -22.29 10.00
C PHE A 46 -9.88 -22.46 8.84
N TRP A 47 -10.04 -21.69 7.76
CA TRP A 47 -9.15 -21.85 6.60
C TRP A 47 -8.29 -20.59 6.42
N ARG A 48 -7.14 -20.73 5.76
CA ARG A 48 -6.24 -19.58 5.52
C ARG A 48 -6.96 -18.58 4.62
N ASN A 49 -6.56 -17.30 4.66
CA ASN A 49 -7.24 -16.35 3.81
C ASN A 49 -6.62 -16.35 2.40
N GLU A 50 -7.00 -15.36 1.60
CA GLU A 50 -6.58 -15.19 0.20
C GLU A 50 -5.06 -15.19 0.15
N TYR A 51 -4.46 -14.44 1.06
CA TYR A 51 -3.03 -14.29 1.09
C TYR A 51 -2.33 -15.39 1.84
N GLY A 52 -3.03 -16.50 2.08
CA GLY A 52 -2.42 -17.61 2.78
C GLY A 52 -2.08 -17.32 4.23
N GLU A 53 -2.79 -16.38 4.85
CA GLU A 53 -2.57 -16.04 6.26
C GLU A 53 -3.43 -16.89 7.18
N TYR A 54 -3.02 -16.96 8.43
CA TYR A 54 -3.69 -17.72 9.48
C TYR A 54 -4.35 -19.07 9.08
N GLY A 55 -5.51 -19.44 9.67
CA GLY A 55 -6.12 -20.72 9.35
C GLY A 55 -5.73 -21.71 10.44
N LEU A 56 -6.53 -22.74 10.66
CA LEU A 56 -6.19 -23.69 11.73
C LEU A 56 -5.05 -24.67 11.44
N ALA A 57 -4.80 -24.99 10.17
CA ALA A 57 -3.73 -25.95 9.85
C ALA A 57 -2.36 -25.44 10.26
N ALA A 58 -2.14 -24.14 10.12
CA ALA A 58 -0.87 -23.53 10.53
C ALA A 58 -0.82 -23.45 12.06
N GLN A 59 -1.92 -23.02 12.67
CA GLN A 59 -2.03 -22.92 14.14
C GLN A 59 -1.67 -24.26 14.79
N LYS A 60 -2.04 -25.37 14.15
CA LYS A 60 -1.74 -26.68 14.72
C LYS A 60 -0.24 -27.01 14.69
N THR A 61 0.44 -26.61 13.63
CA THR A 61 1.87 -26.85 13.56
C THR A 61 2.56 -26.05 14.65
N LEU A 62 2.14 -24.80 14.80
CA LEU A 62 2.69 -23.92 15.83
C LEU A 62 2.52 -24.49 17.22
N VAL A 63 1.31 -24.87 17.54
CA VAL A 63 1.01 -25.41 18.86
C VAL A 63 1.72 -26.74 19.13
N ASP A 64 1.72 -27.67 18.19
CA ASP A 64 2.43 -28.94 18.40
C ASP A 64 3.89 -28.63 18.66
N GLY A 65 4.39 -27.61 17.98
CA GLY A 65 5.76 -27.21 18.16
C GLY A 65 6.04 -26.79 19.60
N ILE A 66 5.22 -25.90 20.15
CA ILE A 66 5.41 -25.44 21.52
C ILE A 66 5.24 -26.56 22.54
N ARG A 67 4.32 -27.50 22.29
CA ARG A 67 4.14 -28.61 23.20
C ARG A 67 5.36 -29.48 23.23
N LYS A 68 5.86 -29.83 22.06
CA LYS A 68 7.04 -30.65 21.94
C LYS A 68 8.11 -29.97 22.82
N GLU A 69 8.41 -28.71 22.50
CA GLU A 69 9.36 -27.92 23.26
C GLU A 69 9.17 -27.96 24.78
N VAL A 70 8.01 -27.53 25.26
CA VAL A 70 7.75 -27.46 26.68
C VAL A 70 7.78 -28.79 27.40
N ALA A 71 7.38 -29.85 26.72
CA ALA A 71 7.38 -31.17 27.33
C ALA A 71 8.81 -31.64 27.59
N ALA A 72 9.71 -31.34 26.66
CA ALA A 72 11.11 -31.73 26.76
C ALA A 72 11.79 -31.09 27.99
N GLU A 73 11.31 -29.92 28.40
CA GLU A 73 11.87 -29.23 29.53
C GLU A 73 11.18 -29.67 30.81
N GLY A 74 10.18 -30.55 30.67
CA GLY A 74 9.44 -31.00 31.83
C GLY A 74 8.39 -29.99 32.32
N GLY A 75 7.86 -29.13 31.45
CA GLY A 75 6.85 -28.17 31.89
C GLY A 75 5.44 -28.52 31.44
N SER A 76 4.45 -27.71 31.80
CA SER A 76 3.06 -27.96 31.39
C SER A 76 2.51 -26.92 30.40
N VAL A 77 1.57 -27.35 29.55
CA VAL A 77 0.93 -26.45 28.59
C VAL A 77 -0.57 -26.47 28.78
N LEU A 78 -1.21 -25.31 28.57
CA LEU A 78 -2.66 -25.24 28.69
C LEU A 78 -3.07 -24.34 27.53
N LEU A 79 -4.03 -24.80 26.71
CA LEU A 79 -4.52 -24.03 25.55
C LEU A 79 -5.99 -23.61 25.77
N LEU A 80 -6.20 -22.30 25.89
CA LEU A 80 -7.51 -21.74 26.17
C LEU A 80 -8.03 -20.84 25.06
N SER A 81 -9.36 -20.77 24.95
CA SER A 81 -10.06 -19.93 23.98
C SER A 81 -11.02 -18.92 24.63
N GLY A 82 -10.91 -17.65 24.22
CA GLY A 82 -11.79 -16.62 24.77
C GLY A 82 -13.17 -16.56 24.12
N GLY A 83 -13.53 -17.56 23.32
CA GLY A 83 -14.87 -17.54 22.72
C GLY A 83 -15.06 -16.91 21.35
N ASP A 84 -16.31 -16.86 20.89
CA ASP A 84 -16.66 -16.37 19.53
C ASP A 84 -16.01 -17.18 18.41
N ILE A 85 -16.39 -18.45 18.34
CA ILE A 85 -15.91 -19.37 17.34
C ILE A 85 -16.86 -19.19 16.16
N ASN A 86 -18.12 -18.95 16.49
CA ASN A 86 -19.22 -18.74 15.53
C ASN A 86 -19.24 -17.38 14.86
N THR A 87 -19.76 -17.39 13.63
CA THR A 87 -20.02 -16.18 12.83
C THR A 87 -18.85 -15.40 12.28
N GLY A 88 -18.76 -15.33 10.96
CA GLY A 88 -17.66 -14.59 10.40
C GLY A 88 -17.23 -14.99 9.01
N VAL A 89 -17.47 -16.23 8.60
CA VAL A 89 -17.08 -16.69 7.27
C VAL A 89 -18.20 -17.57 6.76
N PRO A 90 -18.69 -17.30 5.52
CA PRO A 90 -19.77 -18.05 4.87
C PRO A 90 -19.62 -19.57 5.00
N GLU A 91 -18.46 -20.11 4.59
CA GLU A 91 -18.23 -21.55 4.64
C GLU A 91 -18.40 -22.14 6.03
N SER A 92 -18.10 -21.36 7.07
CA SER A 92 -18.27 -21.82 8.44
C SER A 92 -19.71 -21.65 8.88
N ASP A 93 -20.25 -20.44 8.68
CA ASP A 93 -21.62 -20.11 9.06
C ASP A 93 -22.62 -21.16 8.51
N LEU A 94 -22.59 -21.39 7.20
CA LEU A 94 -23.50 -22.37 6.58
C LEU A 94 -23.36 -23.80 7.12
N GLN A 95 -22.34 -24.06 7.94
CA GLN A 95 -22.13 -25.39 8.50
C GLN A 95 -22.10 -25.33 10.02
N ASP A 96 -22.75 -24.32 10.58
CA ASP A 96 -22.79 -24.12 12.02
C ASP A 96 -21.44 -24.29 12.71
N ALA A 97 -20.39 -23.75 12.07
CA ALA A 97 -19.03 -23.80 12.58
C ALA A 97 -18.56 -25.22 12.93
N GLU A 98 -19.09 -26.23 12.23
CA GLU A 98 -18.65 -27.61 12.50
C GLU A 98 -17.14 -27.76 12.19
N PRO A 99 -16.66 -27.36 10.99
CA PRO A 99 -15.21 -27.53 10.81
C PRO A 99 -14.33 -26.83 11.84
N ASP A 100 -14.79 -25.71 12.39
CA ASP A 100 -14.04 -24.95 13.39
C ASP A 100 -13.86 -25.74 14.70
N PHE A 101 -14.95 -26.28 15.24
CA PHE A 101 -14.82 -27.08 16.44
C PHE A 101 -14.07 -28.39 16.24
N ARG A 102 -14.20 -29.01 15.07
CA ARG A 102 -13.45 -30.23 14.80
C ARG A 102 -11.99 -29.91 14.66
N GLY A 103 -11.71 -28.70 14.16
CA GLY A 103 -10.34 -28.25 13.97
C GLY A 103 -9.71 -27.97 15.31
N MET A 104 -10.47 -27.29 16.19
CA MET A 104 -9.99 -26.99 17.52
C MET A 104 -9.67 -28.29 18.28
N ASN A 105 -10.53 -29.32 18.11
CA ASN A 105 -10.27 -30.62 18.72
C ASN A 105 -8.92 -31.15 18.30
N LEU A 106 -8.60 -31.03 17.02
CA LEU A 106 -7.31 -31.53 16.54
C LEU A 106 -6.17 -30.62 16.96
N VAL A 107 -6.42 -29.33 17.17
CA VAL A 107 -5.33 -28.48 17.65
C VAL A 107 -5.12 -28.82 19.11
N GLY A 108 -6.21 -29.19 19.78
CA GLY A 108 -6.08 -29.59 21.18
C GLY A 108 -6.47 -28.58 22.24
N TYR A 109 -7.57 -27.86 22.04
CA TYR A 109 -7.99 -26.91 23.04
C TYR A 109 -8.41 -27.53 24.36
N ASP A 110 -8.05 -26.90 25.48
CA ASP A 110 -8.44 -27.42 26.81
C ASP A 110 -9.80 -26.92 27.29
N ALA A 111 -10.11 -25.66 27.00
CA ALA A 111 -11.37 -25.13 27.43
C ALA A 111 -11.61 -23.89 26.61
N MET A 112 -12.84 -23.40 26.69
CA MET A 112 -13.28 -22.24 25.94
C MET A 112 -14.32 -21.48 26.72
N ALA A 113 -14.25 -20.15 26.66
CA ALA A 113 -15.26 -19.32 27.32
C ALA A 113 -16.35 -19.17 26.26
N ILE A 114 -17.61 -19.18 26.64
CA ILE A 114 -18.69 -18.95 25.66
C ILE A 114 -18.81 -17.46 25.31
N GLY A 115 -18.78 -17.15 24.01
CA GLY A 115 -18.88 -15.77 23.56
C GLY A 115 -20.29 -15.32 23.20
N ASN A 116 -20.47 -14.03 22.94
CA ASN A 116 -21.78 -13.55 22.61
C ASN A 116 -22.26 -14.13 21.27
N HIS A 117 -21.36 -14.40 20.34
CA HIS A 117 -21.78 -14.98 19.06
C HIS A 117 -22.08 -16.49 19.03
N GLU A 118 -22.02 -17.17 20.18
CA GLU A 118 -22.39 -18.59 20.16
C GLU A 118 -23.93 -18.56 20.26
N PHE A 119 -24.50 -17.39 20.58
CA PHE A 119 -25.96 -17.22 20.65
C PHE A 119 -26.57 -16.64 19.39
N ASP A 120 -25.88 -16.78 18.25
CA ASP A 120 -26.43 -16.33 16.98
C ASP A 120 -27.32 -17.45 16.45
N ASN A 121 -27.15 -18.65 16.98
CA ASN A 121 -27.96 -19.78 16.59
C ASN A 121 -28.84 -20.17 17.78
N PRO A 122 -29.93 -20.91 17.52
CA PRO A 122 -30.91 -21.42 18.49
C PRO A 122 -30.09 -22.28 19.49
N LEU A 123 -30.41 -22.23 20.78
CA LEU A 123 -29.65 -23.01 21.75
C LEU A 123 -29.40 -24.49 21.42
N THR A 124 -30.26 -25.09 20.61
CA THR A 124 -30.04 -26.49 20.25
C THR A 124 -28.77 -26.68 19.43
N VAL A 125 -28.41 -25.66 18.66
CA VAL A 125 -27.19 -25.71 17.84
C VAL A 125 -25.97 -25.63 18.73
N LEU A 126 -26.05 -24.77 19.76
CA LEU A 126 -24.95 -24.61 20.73
C LEU A 126 -24.74 -25.92 21.50
N ARG A 127 -25.84 -26.55 21.90
CA ARG A 127 -25.73 -27.82 22.60
C ARG A 127 -25.03 -28.82 21.65
N GLN A 128 -25.36 -28.72 20.37
CA GLN A 128 -24.76 -29.59 19.36
C GLN A 128 -23.23 -29.34 19.21
N GLN A 129 -22.83 -28.07 19.20
CA GLN A 129 -21.42 -27.73 19.07
C GLN A 129 -20.67 -28.23 20.29
N GLU A 130 -21.42 -28.33 21.40
CA GLU A 130 -20.90 -28.83 22.66
C GLU A 130 -20.66 -30.36 22.58
N LYS A 131 -21.42 -31.06 21.72
CA LYS A 131 -21.28 -32.51 21.50
C LYS A 131 -20.06 -32.68 20.61
N TRP A 132 -19.86 -31.75 19.67
CA TRP A 132 -18.67 -31.83 18.77
C TRP A 132 -17.34 -31.50 19.46
N ALA A 133 -17.39 -30.52 20.38
CA ALA A 133 -16.20 -30.08 21.12
C ALA A 133 -15.72 -31.15 22.08
N LYS A 134 -14.45 -31.47 21.99
CA LYS A 134 -13.86 -32.48 22.83
C LYS A 134 -13.51 -31.84 24.18
N PHE A 135 -13.41 -30.51 24.20
CA PHE A 135 -13.11 -29.74 25.39
C PHE A 135 -14.38 -29.05 25.86
N PRO A 136 -14.43 -28.62 27.13
CA PRO A 136 -15.62 -27.94 27.67
C PRO A 136 -15.86 -26.50 27.24
N LEU A 137 -17.14 -26.12 27.16
CA LEU A 137 -17.49 -24.74 26.80
C LEU A 137 -17.95 -24.17 28.16
N LEU A 138 -17.26 -23.15 28.66
CA LEU A 138 -17.55 -22.62 29.98
C LEU A 138 -18.22 -21.25 30.06
N SER A 139 -19.06 -21.09 31.07
CA SER A 139 -19.73 -19.85 31.36
C SER A 139 -20.54 -20.01 32.63
N ALA A 140 -20.07 -19.37 33.69
CA ALA A 140 -20.69 -19.42 34.99
C ALA A 140 -21.85 -18.45 35.18
N ASN A 141 -21.94 -17.38 34.39
CA ASN A 141 -22.99 -16.39 34.61
C ASN A 141 -24.29 -16.44 33.76
N ILE A 142 -24.45 -17.49 32.96
CA ILE A 142 -25.65 -17.59 32.14
C ILE A 142 -26.64 -18.54 32.82
N TYR A 143 -27.74 -17.97 33.28
CA TYR A 143 -28.80 -18.70 33.97
C TYR A 143 -30.12 -18.87 33.23
N GLN A 144 -30.84 -19.92 33.55
CA GLN A 144 -32.15 -20.15 32.97
C GLN A 144 -33.11 -19.55 34.00
N LYS A 145 -33.83 -18.52 33.61
CA LYS A 145 -34.76 -17.84 34.52
C LYS A 145 -35.74 -18.75 35.27
N SER A 146 -36.54 -19.53 34.54
CA SER A 146 -37.48 -20.44 35.16
C SER A 146 -36.77 -21.21 36.28
N THR A 147 -36.04 -22.25 35.94
CA THR A 147 -35.34 -23.03 36.94
C THR A 147 -34.50 -22.16 37.86
N GLY A 148 -33.58 -21.38 37.30
CA GLY A 148 -32.73 -20.55 38.13
C GLY A 148 -31.39 -21.26 38.29
N GLU A 149 -31.06 -22.10 37.30
CA GLU A 149 -29.82 -22.84 37.31
C GLU A 149 -28.94 -22.50 36.12
N ARG A 150 -27.65 -22.78 36.23
CA ARG A 150 -26.76 -22.47 35.12
C ARG A 150 -27.02 -23.37 33.95
N LEU A 151 -26.85 -22.85 32.74
CA LEU A 151 -27.03 -23.65 31.55
C LEU A 151 -25.75 -24.37 31.13
N PHE A 152 -24.59 -23.94 31.64
CA PHE A 152 -23.33 -24.57 31.23
C PHE A 152 -22.46 -24.80 32.45
N LYS A 153 -21.31 -25.45 32.28
CA LYS A 153 -20.35 -25.74 33.35
C LYS A 153 -19.70 -24.40 33.70
N PRO A 154 -19.66 -24.04 34.99
CA PRO A 154 -19.04 -22.76 35.32
C PRO A 154 -17.50 -22.78 35.29
N TRP A 155 -16.91 -23.95 35.46
CA TRP A 155 -15.47 -24.06 35.46
C TRP A 155 -15.05 -25.49 35.12
N ALA A 156 -13.73 -25.70 35.00
CA ALA A 156 -13.16 -27.00 34.65
C ALA A 156 -11.89 -27.09 35.43
N LEU A 157 -11.55 -28.30 35.88
CA LEU A 157 -10.31 -28.55 36.65
C LEU A 157 -9.29 -29.27 35.82
N PHE A 158 -8.04 -28.82 35.90
CA PHE A 158 -6.97 -29.46 35.14
C PHE A 158 -5.89 -29.77 36.14
N LYS A 159 -5.34 -30.96 36.02
CA LYS A 159 -4.28 -31.36 36.89
C LYS A 159 -3.04 -31.37 35.98
N ARG A 160 -2.04 -30.57 36.32
CA ARG A 160 -0.79 -30.52 35.56
C ARG A 160 0.31 -30.74 36.60
N GLN A 161 0.97 -31.89 36.50
CA GLN A 161 1.98 -32.27 37.48
C GLN A 161 1.27 -32.33 38.85
N ASP A 162 1.78 -31.60 39.82
CA ASP A 162 1.14 -31.63 41.12
C ASP A 162 0.10 -30.55 41.21
N LEU A 163 0.13 -29.61 40.28
CA LEU A 163 -0.82 -28.51 40.37
C LEU A 163 -2.24 -28.76 39.95
N LYS A 164 -3.15 -28.18 40.71
CA LYS A 164 -4.58 -28.22 40.43
C LYS A 164 -4.93 -26.80 39.91
N ILE A 165 -5.22 -26.70 38.61
CA ILE A 165 -5.54 -25.43 37.99
C ILE A 165 -7.02 -25.44 37.68
N ALA A 166 -7.70 -24.33 37.98
CA ALA A 166 -9.12 -24.23 37.69
C ALA A 166 -9.25 -23.11 36.66
N VAL A 167 -10.14 -23.30 35.67
CA VAL A 167 -10.40 -22.29 34.64
C VAL A 167 -11.90 -21.97 34.74
N ILE A 168 -12.18 -20.69 34.94
CA ILE A 168 -13.53 -20.16 35.08
C ILE A 168 -13.91 -19.52 33.75
N GLY A 169 -15.17 -19.63 33.37
CA GLY A 169 -15.59 -19.00 32.15
C GLY A 169 -16.62 -17.93 32.48
N LEU A 170 -16.55 -16.81 31.77
CA LEU A 170 -17.47 -15.70 31.99
C LEU A 170 -17.85 -15.12 30.64
N THR A 171 -19.12 -14.80 30.49
CA THR A 171 -19.64 -14.24 29.23
C THR A 171 -20.25 -12.85 29.39
N THR A 172 -19.95 -11.93 28.47
CA THR A 172 -20.50 -10.56 28.53
C THR A 172 -22.01 -10.57 28.63
N ASP A 173 -22.53 -9.75 29.53
CA ASP A 173 -23.97 -9.67 29.68
C ASP A 173 -24.65 -8.80 28.59
N ASP A 174 -23.86 -8.20 27.70
CA ASP A 174 -24.40 -7.45 26.56
C ASP A 174 -24.92 -8.40 25.49
N THR A 175 -24.62 -9.69 25.66
CA THR A 175 -25.07 -10.66 24.69
C THR A 175 -26.52 -10.49 24.35
N ALA A 176 -27.36 -10.15 25.32
CA ALA A 176 -28.77 -9.94 25.00
C ALA A 176 -28.91 -8.64 24.19
N LYS A 177 -28.58 -8.77 22.90
CA LYS A 177 -28.59 -7.75 21.82
C LYS A 177 -28.12 -8.45 20.52
N TYR A 183 -33.99 -15.29 21.32
CA TYR A 183 -33.39 -16.57 21.83
C TYR A 183 -33.17 -16.47 23.32
N PHE A 184 -33.40 -15.29 23.88
CA PHE A 184 -33.14 -15.10 25.30
C PHE A 184 -34.35 -15.14 26.23
N THR A 185 -35.28 -16.03 25.87
CA THR A 185 -36.48 -16.24 26.67
C THR A 185 -36.09 -17.28 27.74
N ASP A 186 -36.23 -16.88 28.99
CA ASP A 186 -35.91 -17.75 30.09
C ASP A 186 -34.38 -17.87 30.24
N ILE A 187 -33.65 -16.97 29.59
CA ILE A 187 -32.18 -16.92 29.70
C ILE A 187 -31.75 -15.58 30.30
N GLU A 188 -30.99 -15.66 31.38
CA GLU A 188 -30.52 -14.48 32.08
C GLU A 188 -29.02 -14.47 32.15
N PHE A 189 -28.43 -13.33 31.79
CA PHE A 189 -26.98 -13.15 31.87
C PHE A 189 -26.71 -12.36 33.12
N ARG A 190 -26.30 -13.02 34.20
CA ARG A 190 -26.01 -12.24 35.40
C ARG A 190 -24.66 -11.52 35.19
N LYS A 191 -24.38 -10.53 36.04
CA LYS A 191 -23.15 -9.73 36.00
C LYS A 191 -21.87 -10.53 36.18
N PRO A 192 -20.98 -10.58 35.14
CA PRO A 192 -19.72 -11.32 35.19
C PRO A 192 -18.86 -11.09 36.44
N ALA A 193 -18.57 -9.83 36.74
CA ALA A 193 -17.73 -9.54 37.90
C ALA A 193 -18.26 -10.11 39.22
N ASP A 194 -19.58 -10.10 39.40
CA ASP A 194 -20.17 -10.65 40.61
C ASP A 194 -20.25 -12.17 40.63
N GLU A 195 -20.42 -12.79 39.47
CA GLU A 195 -20.48 -14.25 39.41
C GLU A 195 -19.07 -14.74 39.65
N ALA A 196 -18.08 -14.00 39.16
CA ALA A 196 -16.68 -14.35 39.36
C ALA A 196 -16.37 -14.44 40.85
N LYS A 197 -16.87 -13.51 41.65
CA LYS A 197 -16.60 -13.58 43.08
C LYS A 197 -17.18 -14.83 43.71
N LEU A 198 -18.46 -15.11 43.45
CA LEU A 198 -19.12 -16.28 44.01
C LEU A 198 -18.34 -17.50 43.66
N VAL A 199 -18.11 -17.67 42.37
CA VAL A 199 -17.35 -18.80 41.87
C VAL A 199 -15.97 -18.95 42.52
N ILE A 200 -15.19 -17.87 42.61
CA ILE A 200 -13.87 -17.97 43.21
C ILE A 200 -13.97 -18.52 44.63
N GLN A 201 -15.05 -18.20 45.35
CA GLN A 201 -15.27 -18.72 46.70
C GLN A 201 -15.61 -20.20 46.69
N GLU A 202 -16.63 -20.60 45.92
CA GLU A 202 -17.00 -22.02 45.82
C GLU A 202 -15.77 -22.87 45.54
N LEU A 203 -14.89 -22.39 44.67
CA LEU A 203 -13.68 -23.12 44.34
C LEU A 203 -12.78 -23.30 45.51
N GLN A 204 -12.49 -22.20 46.20
CA GLN A 204 -11.61 -22.26 47.36
C GLN A 204 -12.11 -23.06 48.56
N GLN A 205 -13.41 -23.13 48.74
CA GLN A 205 -13.98 -23.89 49.83
C GLN A 205 -14.02 -25.34 49.39
N THR A 206 -14.35 -25.53 48.11
CA THR A 206 -14.45 -26.85 47.54
C THR A 206 -13.15 -27.50 47.07
N GLU A 207 -12.78 -27.21 45.81
CA GLU A 207 -11.60 -27.77 45.15
C GLU A 207 -10.25 -27.29 45.62
N LYS A 208 -10.21 -26.08 46.17
CA LYS A 208 -8.96 -25.52 46.64
C LYS A 208 -7.86 -25.61 45.55
N PRO A 209 -8.02 -24.90 44.42
CA PRO A 209 -7.04 -24.93 43.32
C PRO A 209 -5.74 -24.23 43.73
N ASP A 210 -4.64 -24.55 43.08
CA ASP A 210 -3.39 -23.85 43.37
C ASP A 210 -3.37 -22.58 42.52
N ILE A 211 -3.98 -22.67 41.34
CA ILE A 211 -4.03 -21.56 40.38
C ILE A 211 -5.46 -21.46 39.83
N ILE A 212 -5.90 -20.24 39.56
CA ILE A 212 -7.24 -20.01 38.99
C ILE A 212 -7.07 -19.03 37.83
N ILE A 213 -7.55 -19.43 36.67
CA ILE A 213 -7.49 -18.62 35.46
C ILE A 213 -8.92 -18.38 35.00
N ALA A 214 -9.23 -17.17 34.55
CA ALA A 214 -10.56 -16.91 34.05
C ALA A 214 -10.44 -16.73 32.53
N ALA A 215 -11.23 -17.48 31.74
CA ALA A 215 -11.28 -17.35 30.27
C ALA A 215 -12.55 -16.54 30.15
N THR A 216 -12.47 -15.33 29.61
CA THR A 216 -13.69 -14.53 29.58
C THR A 216 -13.98 -13.95 28.24
N HIS A 217 -15.24 -13.62 27.99
CA HIS A 217 -15.56 -13.00 26.72
C HIS A 217 -16.26 -11.68 27.07
N MET A 218 -15.46 -10.72 27.56
CA MET A 218 -15.99 -9.44 28.06
C MET A 218 -15.38 -8.18 27.44
N GLY A 219 -14.12 -8.24 27.00
CA GLY A 219 -13.49 -7.08 26.37
C GLY A 219 -12.54 -6.29 27.26
N HIS A 220 -11.51 -5.74 26.64
CA HIS A 220 -10.55 -4.93 27.37
C HIS A 220 -10.74 -3.48 26.95
N TYR A 221 -10.95 -2.59 27.91
CA TYR A 221 -11.13 -1.18 27.62
C TYR A 221 -10.08 -0.41 28.39
N ASP A 222 -9.27 0.40 27.70
CA ASP A 222 -8.26 1.13 28.44
C ASP A 222 -8.79 1.83 29.69
N ASN A 223 -8.11 1.53 30.79
CA ASN A 223 -8.37 2.09 32.09
C ASN A 223 -9.83 1.92 32.51
N GLY A 224 -10.43 0.82 32.06
CA GLY A 224 -11.81 0.55 32.41
C GLY A 224 -12.82 1.48 31.80
N GLU A 225 -12.46 2.17 30.74
CA GLU A 225 -13.42 3.08 30.14
C GLU A 225 -14.25 2.33 29.09
N HIS A 226 -15.19 1.53 29.60
CA HIS A 226 -16.07 0.69 28.78
C HIS A 226 -17.18 1.45 28.11
N GLY A 227 -17.32 2.73 28.47
CA GLY A 227 -18.34 3.57 27.88
C GLY A 227 -19.73 2.97 27.98
N SER A 228 -20.42 2.92 26.85
CA SER A 228 -21.77 2.37 26.80
C SER A 228 -21.80 0.87 26.87
N ASN A 229 -20.66 0.23 26.68
CA ASN A 229 -20.57 -1.22 26.73
C ASN A 229 -20.67 -1.65 28.17
N ALA A 230 -20.94 -2.93 28.39
CA ALA A 230 -21.01 -3.48 29.74
C ALA A 230 -19.57 -3.56 30.24
N PRO A 231 -19.34 -3.37 31.57
CA PRO A 231 -18.01 -3.43 32.18
C PRO A 231 -17.26 -4.67 31.66
N GLY A 232 -15.95 -4.57 31.49
CA GLY A 232 -15.19 -5.71 30.98
C GLY A 232 -14.11 -6.23 31.90
N ASP A 233 -13.05 -6.77 31.31
CA ASP A 233 -11.94 -7.33 32.07
C ASP A 233 -11.29 -6.39 33.07
N VAL A 234 -11.01 -5.15 32.68
CA VAL A 234 -10.37 -4.18 33.59
C VAL A 234 -11.18 -3.83 34.86
N GLU A 235 -12.48 -3.56 34.75
CA GLU A 235 -13.24 -3.30 35.96
C GLU A 235 -13.41 -4.52 36.83
N MET A 236 -13.48 -5.69 36.21
CA MET A 236 -13.63 -6.92 36.97
C MET A 236 -12.39 -7.12 37.82
N ALA A 237 -11.22 -7.04 37.19
CA ALA A 237 -9.97 -7.25 37.90
C ALA A 237 -9.79 -6.24 39.01
N ARG A 238 -10.18 -4.99 38.77
CA ARG A 238 -10.06 -3.98 39.82
C ARG A 238 -11.05 -4.18 40.94
N ALA A 239 -12.13 -4.92 40.70
CA ALA A 239 -13.17 -5.15 41.71
C ALA A 239 -12.98 -6.46 42.49
N LEU A 240 -12.12 -7.33 41.98
CA LEU A 240 -11.87 -8.57 42.69
C LEU A 240 -10.74 -8.41 43.69
N PRO A 241 -10.66 -9.31 44.67
CA PRO A 241 -9.56 -9.16 45.61
C PRO A 241 -8.23 -9.40 44.90
N ALA A 242 -7.22 -8.65 45.34
CA ALA A 242 -5.86 -8.67 44.80
C ALA A 242 -5.33 -10.03 44.43
N GLY A 243 -4.87 -10.16 43.19
CA GLY A 243 -4.31 -11.41 42.70
C GLY A 243 -5.10 -12.70 42.98
N SER A 244 -6.43 -12.62 43.07
CA SER A 244 -7.24 -13.80 43.33
C SER A 244 -7.34 -14.66 42.06
N LEU A 245 -6.83 -14.11 40.94
CA LEU A 245 -6.79 -14.77 39.62
C LEU A 245 -5.39 -14.64 39.08
N ALA A 246 -4.82 -15.72 38.57
CA ALA A 246 -3.48 -15.64 37.99
C ALA A 246 -3.57 -14.70 36.79
N MET A 247 -4.44 -15.01 35.82
CA MET A 247 -4.63 -14.14 34.67
C MET A 247 -6.02 -14.25 34.10
N ILE A 248 -6.41 -13.28 33.30
CA ILE A 248 -7.69 -13.29 32.61
C ILE A 248 -7.34 -13.42 31.11
N VAL A 249 -7.76 -14.52 30.47
CA VAL A 249 -7.57 -14.78 29.03
C VAL A 249 -8.86 -14.26 28.44
N GLY A 250 -8.77 -13.11 27.75
CA GLY A 250 -9.96 -12.45 27.22
C GLY A 250 -10.30 -12.51 25.75
N GLY A 251 -11.32 -11.73 25.40
CA GLY A 251 -11.80 -11.66 24.03
C GLY A 251 -12.89 -10.61 23.87
N HIS A 252 -13.64 -10.72 22.79
CA HIS A 252 -14.78 -9.87 22.51
C HIS A 252 -14.45 -8.51 21.94
N SER A 253 -13.62 -7.74 22.63
CA SER A 253 -13.21 -6.45 22.12
C SER A 253 -12.32 -6.67 20.89
N GLN A 254 -11.66 -7.83 20.80
CA GLN A 254 -10.78 -8.20 19.69
C GLN A 254 -9.58 -7.32 19.44
N ASP A 255 -8.79 -7.12 20.48
CA ASP A 255 -7.59 -6.31 20.40
C ASP A 255 -6.41 -7.16 20.79
N PRO A 256 -5.21 -6.88 20.25
CA PRO A 256 -4.08 -7.69 20.76
C PRO A 256 -3.76 -6.76 22.00
N VAL A 257 -3.83 -7.28 23.22
CA VAL A 257 -3.60 -6.38 24.34
C VAL A 257 -2.10 -6.22 24.62
N CYS A 258 -1.55 -5.15 24.05
CA CYS A 258 -0.14 -4.81 24.20
C CYS A 258 -0.13 -3.40 24.74
N MET A 259 0.46 -3.19 25.91
CA MET A 259 0.42 -1.87 26.49
C MET A 259 1.50 -0.90 25.98
N ALA A 260 1.10 0.31 25.64
CA ALA A 260 2.05 1.30 25.19
C ALA A 260 2.52 2.02 26.45
N ALA A 261 1.56 2.47 27.27
CA ALA A 261 1.82 3.18 28.54
C ALA A 261 0.93 2.53 29.60
N GLU A 262 0.89 3.09 30.80
CA GLU A 262 0.03 2.52 31.85
C GLU A 262 -1.38 2.87 31.43
N ASN A 263 -2.26 1.88 31.50
CA ASN A 263 -3.68 1.98 31.10
C ASN A 263 -3.92 2.51 29.66
N LYS A 264 -3.05 2.10 28.74
CA LYS A 264 -3.15 2.46 27.33
C LYS A 264 -2.56 1.40 26.39
N LYS A 265 -3.43 0.72 25.64
CA LYS A 265 -2.94 -0.25 24.66
C LYS A 265 -2.31 0.50 23.48
N GLN A 266 -1.34 -0.13 22.79
CA GLN A 266 -0.73 0.48 21.62
C GLN A 266 -1.85 0.60 20.58
N VAL A 267 -1.81 1.66 19.76
CA VAL A 267 -2.88 1.82 18.77
C VAL A 267 -2.72 0.97 17.51
N ASP A 268 -1.54 0.87 16.95
CA ASP A 268 -1.42 0.02 15.78
C ASP A 268 -0.30 -0.95 16.03
N TYR A 269 -0.59 -1.94 16.88
CA TYR A 269 0.37 -2.98 17.20
C TYR A 269 0.90 -3.67 15.95
N VAL A 270 2.21 -3.79 15.86
CA VAL A 270 2.85 -4.40 14.71
C VAL A 270 3.23 -5.83 15.01
N PRO A 271 2.70 -6.78 14.26
CA PRO A 271 3.07 -8.15 14.56
C PRO A 271 4.56 -8.39 14.53
N GLY A 272 5.03 -9.31 15.38
CA GLY A 272 6.43 -9.63 15.47
C GLY A 272 7.17 -8.74 16.47
N THR A 273 6.52 -7.73 17.01
CA THR A 273 7.16 -6.83 17.98
C THR A 273 6.75 -7.16 19.41
N PRO A 274 7.55 -6.75 20.39
CA PRO A 274 7.28 -7.00 21.80
C PRO A 274 5.85 -6.60 22.21
N CYS A 275 5.24 -7.45 23.05
CA CYS A 275 3.90 -7.21 23.53
C CYS A 275 3.84 -7.31 25.03
N LYS A 276 3.42 -6.22 25.68
CA LYS A 276 3.30 -6.16 27.14
C LYS A 276 1.85 -6.20 27.58
N PRO A 277 1.42 -7.34 28.18
CA PRO A 277 0.08 -7.61 28.67
C PRO A 277 -0.26 -6.54 29.66
N ASP A 278 -1.54 -6.41 29.98
CA ASP A 278 -1.95 -5.43 30.95
C ASP A 278 -1.93 -6.21 32.27
N GLN A 279 -1.94 -5.50 33.39
CA GLN A 279 -1.93 -6.13 34.69
C GLN A 279 -2.65 -5.15 35.59
N GLN A 280 -3.77 -5.55 36.15
CA GLN A 280 -4.55 -4.70 37.01
C GLN A 280 -4.81 -5.38 38.37
N ASN A 281 -4.43 -4.72 39.46
CA ASN A 281 -4.67 -5.23 40.79
C ASN A 281 -3.99 -6.59 40.92
N GLY A 282 -2.84 -6.70 40.26
CA GLY A 282 -2.07 -7.92 40.34
C GLY A 282 -2.56 -9.05 39.47
N ILE A 283 -3.49 -8.75 38.57
CA ILE A 283 -4.02 -9.80 37.71
C ILE A 283 -3.63 -9.52 36.27
N TRP A 284 -2.98 -10.46 35.63
CA TRP A 284 -2.61 -10.29 34.22
C TRP A 284 -3.84 -10.36 33.30
N ILE A 285 -3.92 -9.48 32.32
CA ILE A 285 -5.04 -9.49 31.39
C ILE A 285 -4.48 -9.60 29.96
N VAL A 286 -4.85 -10.66 29.24
CA VAL A 286 -4.38 -10.85 27.88
C VAL A 286 -5.49 -10.99 26.82
N GLN A 287 -5.14 -10.81 25.56
CA GLN A 287 -6.08 -10.99 24.47
C GLN A 287 -5.30 -11.05 23.18
N ALA A 288 -5.65 -11.99 22.31
CA ALA A 288 -4.92 -12.22 21.06
C ALA A 288 -5.54 -11.71 19.79
N HIS A 289 -6.31 -10.63 19.90
CA HIS A 289 -6.88 -10.01 18.74
C HIS A 289 -8.06 -10.78 18.13
N GLU A 290 -7.89 -11.46 17.00
CA GLU A 290 -9.04 -12.13 16.43
C GLU A 290 -8.60 -13.02 15.27
N TRP A 291 -9.55 -13.87 14.83
CA TRP A 291 -9.42 -14.74 13.66
C TRP A 291 -8.27 -15.75 13.53
N GLY A 292 -7.62 -16.12 14.63
CA GLY A 292 -6.53 -17.05 14.52
C GLY A 292 -5.28 -16.34 14.01
N LYS A 293 -5.29 -15.00 14.03
CA LYS A 293 -4.14 -14.21 13.57
C LYS A 293 -2.90 -14.33 14.44
N TYR A 294 -3.10 -14.46 15.76
CA TYR A 294 -2.01 -14.64 16.73
C TYR A 294 -2.32 -15.77 17.75
N VAL A 295 -1.28 -16.49 18.15
CA VAL A 295 -1.43 -17.45 19.24
C VAL A 295 -0.60 -16.77 20.36
N GLY A 296 -1.29 -16.35 21.41
CA GLY A 296 -0.63 -15.70 22.53
C GLY A 296 0.07 -16.74 23.39
N ARG A 297 1.23 -16.38 23.94
CA ARG A 297 1.99 -17.30 24.79
C ARG A 297 2.52 -16.64 26.09
N ALA A 298 2.05 -17.12 27.24
CA ALA A 298 2.46 -16.63 28.54
C ALA A 298 3.17 -17.77 29.26
N ASP A 299 4.44 -17.56 29.62
CA ASP A 299 5.21 -18.57 30.33
C ASP A 299 5.28 -18.17 31.78
N PHE A 300 4.88 -19.07 32.68
CA PHE A 300 4.91 -18.77 34.11
C PHE A 300 5.79 -19.77 34.86
N GLU A 301 6.18 -19.37 36.06
CA GLU A 301 6.90 -20.25 36.95
C GLU A 301 6.16 -20.20 38.26
N PHE A 302 5.73 -21.36 38.73
CA PHE A 302 5.02 -21.42 39.98
C PHE A 302 5.95 -22.03 41.03
N ARG A 303 6.04 -21.36 42.18
CA ARG A 303 6.87 -21.82 43.29
C ARG A 303 6.30 -21.30 44.63
N ASN A 304 6.05 -22.21 45.55
CA ASN A 304 5.50 -21.86 46.87
C ASN A 304 4.26 -20.98 46.80
N GLY A 305 3.38 -21.23 45.85
CA GLY A 305 2.17 -20.42 45.76
C GLY A 305 2.33 -19.17 44.93
N GLU A 306 3.56 -18.73 44.67
CA GLU A 306 3.76 -17.55 43.85
C GLU A 306 3.68 -17.97 42.38
N MET A 307 2.85 -17.27 41.64
CA MET A 307 2.66 -17.55 40.22
C MET A 307 3.40 -16.40 39.53
N LYS A 308 4.45 -16.69 38.78
CA LYS A 308 5.17 -15.59 38.15
C LYS A 308 5.31 -15.68 36.63
N MET A 309 4.92 -14.62 35.92
CA MET A 309 5.02 -14.59 34.45
C MET A 309 6.44 -14.17 34.10
N VAL A 310 7.19 -15.11 33.54
CA VAL A 310 8.56 -14.85 33.22
C VAL A 310 8.72 -14.53 31.72
N ASN A 311 7.60 -14.50 30.99
CA ASN A 311 7.64 -14.15 29.58
C ASN A 311 6.27 -14.17 28.89
N TYR A 312 6.11 -13.31 27.91
CA TYR A 312 4.87 -13.23 27.13
C TYR A 312 5.16 -12.77 25.70
N GLN A 313 4.37 -13.23 24.74
CA GLN A 313 4.56 -12.82 23.37
C GLN A 313 3.37 -13.23 22.58
N LEU A 314 3.09 -12.43 21.55
CA LEU A 314 1.95 -12.64 20.70
C LEU A 314 2.54 -13.11 19.39
N ILE A 315 2.37 -14.41 19.14
CA ILE A 315 2.91 -15.10 17.96
C ILE A 315 2.03 -15.09 16.71
N PRO A 316 2.43 -14.33 15.68
CA PRO A 316 1.70 -14.21 14.42
C PRO A 316 1.67 -15.50 13.64
N VAL A 317 0.49 -15.84 13.10
CA VAL A 317 0.35 -17.08 12.33
C VAL A 317 0.33 -16.76 10.82
N ASN A 318 1.52 -16.68 10.21
CA ASN A 318 1.69 -16.38 8.80
C ASN A 318 1.08 -15.08 8.32
N LEU A 319 1.10 -14.08 9.20
CA LEU A 319 0.59 -12.77 8.83
C LEU A 319 1.60 -12.15 7.88
N LYS A 320 1.11 -11.40 6.91
CA LYS A 320 1.96 -10.76 5.91
C LYS A 320 1.70 -9.27 5.87
N LYS A 321 2.74 -8.49 5.60
CA LYS A 321 2.54 -7.06 5.48
C LYS A 321 2.64 -6.63 4.02
N LYS A 322 1.81 -5.67 3.67
CA LYS A 322 1.78 -5.16 2.33
C LYS A 322 2.79 -4.06 2.24
N VAL A 323 3.77 -4.26 1.38
CA VAL A 323 4.82 -3.29 1.16
C VAL A 323 4.81 -2.89 -0.32
N SER A 330 3.58 -3.27 -5.36
CA SER A 330 3.55 -3.71 -3.92
C SER A 330 3.57 -5.23 -3.73
N GLU A 331 3.93 -5.66 -2.53
CA GLU A 331 3.98 -7.10 -2.21
C GLU A 331 3.52 -7.29 -0.80
N ARG A 332 3.16 -8.52 -0.47
CA ARG A 332 2.78 -8.90 0.88
C ARG A 332 3.83 -9.87 1.34
N VAL A 333 4.62 -9.44 2.32
CA VAL A 333 5.69 -10.25 2.87
C VAL A 333 5.47 -10.70 4.35
N LEU A 334 5.79 -11.95 4.63
CA LEU A 334 5.65 -12.46 5.99
C LEU A 334 6.40 -11.60 7.02
N TYR A 335 5.80 -11.37 8.19
CA TYR A 335 6.49 -10.64 9.26
C TYR A 335 7.51 -11.55 9.99
N THR A 336 7.24 -12.86 10.00
CA THR A 336 8.09 -13.84 10.67
C THR A 336 8.19 -15.08 9.78
N PRO A 337 9.10 -16.01 10.11
CA PRO A 337 9.29 -17.25 9.33
C PRO A 337 7.97 -17.95 9.05
N GLU A 338 7.83 -18.51 7.85
CA GLU A 338 6.60 -19.16 7.51
C GLU A 338 6.40 -20.43 8.34
N ILE A 339 5.15 -20.66 8.74
CA ILE A 339 4.76 -21.81 9.54
C ILE A 339 4.03 -22.72 8.59
N ALA A 340 4.54 -23.92 8.41
CA ALA A 340 3.92 -24.88 7.52
C ALA A 340 2.51 -25.27 7.98
N GLU A 341 1.64 -25.72 7.05
CA GLU A 341 0.28 -26.16 7.40
C GLU A 341 0.19 -27.64 7.67
N ASN A 342 -0.23 -27.98 8.89
CA ASN A 342 -0.35 -29.36 9.29
C ASN A 342 -1.24 -30.09 8.30
N GLN A 343 -0.74 -31.19 7.73
CA GLN A 343 -1.51 -31.93 6.73
C GLN A 343 -2.68 -32.74 7.23
N GLN A 344 -2.61 -33.17 8.47
CA GLN A 344 -3.71 -33.94 9.01
C GLN A 344 -4.90 -32.98 9.15
N MET A 345 -4.62 -31.73 9.54
CA MET A 345 -5.63 -30.69 9.71
C MET A 345 -6.19 -30.37 8.32
N ILE A 346 -5.31 -30.21 7.34
CA ILE A 346 -5.76 -29.97 5.96
C ILE A 346 -6.65 -31.14 5.51
N SER A 347 -6.28 -32.36 5.82
CA SER A 347 -7.10 -33.47 5.40
C SER A 347 -8.46 -33.36 6.00
N LEU A 348 -8.53 -33.01 7.27
CA LEU A 348 -9.81 -32.89 7.98
C LEU A 348 -10.75 -31.80 7.46
N LEU A 349 -10.19 -30.63 7.22
CA LEU A 349 -10.99 -29.49 6.85
C LEU A 349 -11.29 -29.29 5.37
N SER A 350 -10.49 -29.91 4.52
CA SER A 350 -10.64 -29.70 3.08
C SER A 350 -12.06 -30.06 2.57
N PRO A 351 -12.68 -31.13 3.11
CA PRO A 351 -14.03 -31.58 2.74
C PRO A 351 -15.04 -30.48 3.12
N PHE A 352 -14.83 -29.87 4.28
CA PHE A 352 -15.72 -28.83 4.77
C PHE A 352 -15.59 -27.57 3.97
N GLN A 353 -14.38 -27.29 3.50
CA GLN A 353 -14.15 -26.11 2.71
C GLN A 353 -14.84 -26.28 1.34
N ASN A 354 -14.77 -27.47 0.76
CA ASN A 354 -15.40 -27.69 -0.54
C ASN A 354 -16.90 -27.71 -0.41
N LYS A 355 -17.37 -28.23 0.71
CA LYS A 355 -18.78 -28.33 0.92
C LYS A 355 -19.40 -26.96 1.11
N GLY A 356 -18.73 -26.09 1.86
CA GLY A 356 -19.27 -24.78 2.12
C GLY A 356 -19.16 -23.92 0.90
N LYS A 357 -18.10 -24.14 0.15
CA LYS A 357 -17.83 -23.38 -1.06
C LYS A 357 -18.94 -23.71 -2.10
N ALA A 358 -19.34 -24.98 -2.16
CA ALA A 358 -20.37 -25.40 -3.09
C ALA A 358 -21.73 -24.85 -2.67
N GLN A 359 -21.98 -24.82 -1.37
CA GLN A 359 -23.25 -24.37 -0.87
C GLN A 359 -23.50 -22.85 -1.06
N LEU A 360 -22.53 -22.13 -1.62
CA LEU A 360 -22.67 -20.69 -1.89
C LEU A 360 -23.49 -20.52 -3.18
N GLU A 361 -23.47 -21.59 -4.00
CA GLU A 361 -24.16 -21.62 -5.27
C GLU A 361 -25.66 -21.72 -5.05
N VAL A 362 -26.07 -22.19 -3.89
CA VAL A 362 -27.49 -22.34 -3.60
C VAL A 362 -28.25 -21.03 -3.63
N LYS A 363 -29.46 -21.08 -4.17
CA LYS A 363 -30.36 -19.94 -4.32
C LYS A 363 -30.88 -19.44 -2.98
N ILE A 364 -30.86 -18.13 -2.78
CA ILE A 364 -31.32 -17.58 -1.51
C ILE A 364 -32.53 -16.70 -1.70
N GLY A 365 -32.86 -16.41 -2.96
CA GLY A 365 -34.01 -15.58 -3.22
C GLY A 365 -34.03 -15.16 -4.66
N GLU A 366 -34.91 -14.21 -4.98
CA GLU A 366 -35.05 -13.69 -6.33
C GLU A 366 -35.43 -12.22 -6.38
N THR A 367 -35.06 -11.60 -7.50
CA THR A 367 -35.36 -10.19 -7.76
C THR A 367 -35.99 -9.99 -9.15
N ASN A 368 -36.95 -9.08 -9.21
CA ASN A 368 -37.66 -8.81 -10.46
C ASN A 368 -36.98 -7.79 -11.34
N GLY A 369 -35.82 -7.29 -10.90
CA GLY A 369 -35.12 -6.30 -11.68
C GLY A 369 -33.67 -6.15 -11.29
N ARG A 370 -32.96 -5.36 -12.05
CA ARG A 370 -31.56 -5.15 -11.79
C ARG A 370 -31.24 -4.30 -10.59
N LEU A 371 -30.35 -4.81 -9.75
CA LEU A 371 -29.89 -4.01 -8.64
C LEU A 371 -28.60 -3.39 -9.18
N GLU A 372 -28.62 -2.09 -9.38
CA GLU A 372 -27.50 -1.37 -9.95
C GLU A 372 -26.26 -1.16 -9.04
N GLY A 373 -25.20 -1.91 -9.36
CA GLY A 373 -23.96 -1.81 -8.59
C GLY A 373 -22.71 -1.50 -9.41
N ASP A 374 -22.87 -1.06 -10.66
CA ASP A 374 -21.75 -0.69 -11.55
C ASP A 374 -20.97 0.47 -10.92
N ARG A 375 -19.64 0.40 -10.88
CA ARG A 375 -18.86 1.48 -10.26
C ARG A 375 -18.94 2.80 -10.96
N ASP A 376 -19.29 2.78 -12.24
CA ASP A 376 -19.39 4.00 -13.02
C ASP A 376 -20.66 4.68 -12.56
N LYS A 377 -21.47 3.98 -11.76
CA LYS A 377 -22.71 4.57 -11.31
C LYS A 377 -22.87 4.73 -9.77
N VAL A 378 -22.34 3.81 -8.97
CA VAL A 378 -22.47 3.92 -7.50
C VAL A 378 -21.51 4.92 -6.89
N ARG A 379 -20.62 5.48 -7.72
CA ARG A 379 -19.68 6.50 -7.24
C ARG A 379 -20.05 7.87 -7.77
N PHE A 380 -21.25 7.96 -8.36
CA PHE A 380 -21.75 9.21 -8.93
C PHE A 380 -23.14 9.55 -8.44
N VAL A 381 -24.01 8.54 -8.40
CA VAL A 381 -25.37 8.74 -7.96
C VAL A 381 -25.79 7.68 -6.96
N GLN A 382 -26.98 7.88 -6.39
CA GLN A 382 -27.60 6.96 -5.44
C GLN A 382 -28.17 5.85 -6.32
N THR A 383 -28.05 4.58 -5.93
CA THR A 383 -28.60 3.53 -6.78
C THR A 383 -29.42 2.66 -5.89
N ASN A 384 -30.22 1.77 -6.49
CA ASN A 384 -31.08 0.86 -5.73
C ASN A 384 -30.33 -0.22 -4.95
N MET A 385 -29.08 -0.49 -5.36
CA MET A 385 -28.24 -1.46 -4.65
C MET A 385 -27.84 -0.78 -3.34
N GLY A 386 -27.53 0.50 -3.42
CA GLY A 386 -27.17 1.22 -2.22
C GLY A 386 -28.30 1.14 -1.22
N ARG A 387 -29.53 1.43 -1.68
CA ARG A 387 -30.70 1.38 -0.82
C ARG A 387 -30.97 0.02 -0.19
N LEU A 388 -30.87 -1.04 -1.01
CA LEU A 388 -31.08 -2.42 -0.54
C LEU A 388 -30.06 -2.80 0.56
N ILE A 389 -28.79 -2.64 0.25
CA ILE A 389 -27.72 -2.93 1.19
C ILE A 389 -27.92 -2.21 2.53
N LEU A 390 -28.26 -0.92 2.48
CA LEU A 390 -28.46 -0.12 3.71
C LEU A 390 -29.79 -0.48 4.36
N ALA A 391 -30.73 -0.98 3.57
CA ALA A 391 -32.02 -1.42 4.12
C ALA A 391 -31.71 -2.65 5.00
N ALA A 392 -30.86 -3.53 4.50
CA ALA A 392 -30.50 -4.72 5.27
C ALA A 392 -29.70 -4.35 6.54
N GLN A 393 -28.80 -3.36 6.44
CA GLN A 393 -28.02 -2.95 7.61
C GLN A 393 -28.89 -2.36 8.70
N MET A 394 -29.81 -1.48 8.33
CA MET A 394 -30.70 -0.89 9.34
C MET A 394 -31.59 -1.96 9.96
N ASP A 395 -31.96 -2.95 9.16
CA ASP A 395 -32.81 -4.01 9.64
C ASP A 395 -32.09 -4.80 10.73
N ARG A 396 -30.86 -5.20 10.48
CA ARG A 396 -30.16 -5.97 11.48
C ARG A 396 -29.88 -5.17 12.74
N THR A 397 -29.63 -3.87 12.61
CA THR A 397 -29.26 -3.04 13.77
C THR A 397 -30.34 -2.20 14.41
N GLY A 398 -31.49 -2.09 13.74
CA GLY A 398 -32.57 -1.28 14.26
C GLY A 398 -32.31 0.20 14.03
N ALA A 399 -31.41 0.52 13.09
CA ALA A 399 -31.05 1.90 12.78
C ALA A 399 -32.21 2.73 12.25
N ASP A 400 -32.10 4.06 12.40
CA ASP A 400 -33.10 5.04 11.92
C ASP A 400 -32.72 5.48 10.51
N PHE A 401 -31.43 5.44 10.22
CA PHE A 401 -30.96 5.77 8.90
C PHE A 401 -29.62 5.07 8.71
N ALA A 402 -29.02 5.18 7.53
CA ALA A 402 -27.73 4.54 7.29
C ALA A 402 -26.96 5.22 6.17
N VAL A 403 -25.65 4.98 6.14
CA VAL A 403 -24.76 5.54 5.12
C VAL A 403 -23.58 4.61 4.88
N MET A 404 -22.99 4.69 3.69
CA MET A 404 -21.80 3.92 3.40
C MET A 404 -21.20 4.53 2.15
N SER A 405 -19.92 4.30 1.92
CA SER A 405 -19.36 4.85 0.71
C SER A 405 -19.61 3.93 -0.52
N GLY A 406 -19.93 4.57 -1.64
CA GLY A 406 -20.23 3.88 -2.89
C GLY A 406 -19.16 2.94 -3.38
N GLY A 407 -17.91 3.23 -3.08
CA GLY A 407 -16.88 2.31 -3.55
C GLY A 407 -16.97 0.93 -2.89
N GLY A 408 -17.83 0.80 -1.89
CA GLY A 408 -17.99 -0.46 -1.18
C GLY A 408 -18.88 -1.47 -1.90
N ILE A 409 -19.66 -0.99 -2.85
CA ILE A 409 -20.53 -1.84 -3.64
C ILE A 409 -19.67 -2.27 -4.80
N ARG A 410 -19.43 -3.56 -4.91
CA ARG A 410 -18.53 -4.07 -5.92
C ARG A 410 -19.16 -4.70 -7.15
N ASP A 411 -20.48 -4.89 -7.16
CA ASP A 411 -21.04 -5.50 -8.35
C ASP A 411 -22.54 -5.39 -8.35
N SER A 412 -23.16 -5.81 -9.43
CA SER A 412 -24.61 -5.73 -9.57
C SER A 412 -25.25 -7.11 -9.48
N ILE A 413 -26.56 -7.14 -9.29
CA ILE A 413 -27.30 -8.39 -9.28
C ILE A 413 -28.35 -8.23 -10.35
N GLU A 414 -28.23 -9.05 -11.40
CA GLU A 414 -29.17 -9.02 -12.52
C GLU A 414 -30.46 -9.67 -12.05
N ALA A 415 -31.55 -9.43 -12.77
CA ALA A 415 -32.86 -9.97 -12.39
C ALA A 415 -32.90 -11.48 -12.37
N GLY A 416 -33.75 -12.04 -11.50
CA GLY A 416 -33.85 -13.49 -11.38
C GLY A 416 -33.45 -14.09 -10.03
N ASP A 417 -32.94 -15.32 -10.08
CA ASP A 417 -32.51 -16.02 -8.89
C ASP A 417 -31.22 -15.44 -8.38
N ILE A 418 -31.10 -15.37 -7.05
CA ILE A 418 -29.90 -14.85 -6.37
C ILE A 418 -29.25 -15.97 -5.55
N SER A 419 -27.93 -16.09 -5.65
CA SER A 419 -27.21 -17.10 -4.85
C SER A 419 -26.36 -16.34 -3.82
N TYR A 420 -25.77 -17.07 -2.86
CA TYR A 420 -24.98 -16.40 -1.84
C TYR A 420 -23.74 -15.89 -2.57
N LYS A 421 -23.35 -16.59 -3.62
CA LYS A 421 -22.19 -16.19 -4.39
C LYS A 421 -22.39 -14.82 -5.07
N ASN A 422 -23.63 -14.54 -5.46
CA ASN A 422 -23.93 -13.26 -6.10
C ASN A 422 -23.78 -12.13 -5.11
N VAL A 423 -24.18 -12.32 -3.85
CA VAL A 423 -24.03 -11.23 -2.87
C VAL A 423 -22.51 -11.04 -2.51
N LEU A 424 -21.78 -12.14 -2.34
CA LEU A 424 -20.36 -12.02 -2.03
C LEU A 424 -19.57 -11.27 -3.09
N LYS A 425 -20.06 -11.22 -4.32
CA LYS A 425 -19.34 -10.45 -5.34
C LYS A 425 -19.62 -8.98 -5.16
N VAL A 426 -20.76 -8.68 -4.56
CA VAL A 426 -21.15 -7.29 -4.31
C VAL A 426 -20.42 -6.77 -3.07
N GLN A 427 -20.39 -7.60 -2.02
CA GLN A 427 -19.77 -7.28 -0.72
C GLN A 427 -18.67 -8.34 -0.48
N PRO A 428 -17.57 -8.27 -1.23
CA PRO A 428 -16.51 -9.25 -1.08
C PRO A 428 -15.48 -9.07 0.03
N PHE A 429 -15.47 -7.91 0.69
CA PHE A 429 -14.42 -7.65 1.69
C PHE A 429 -14.65 -8.01 3.14
N GLY A 430 -15.82 -8.53 3.48
CA GLY A 430 -16.04 -8.94 4.85
C GLY A 430 -15.98 -7.87 5.94
N ASN A 431 -16.33 -6.64 5.60
CA ASN A 431 -16.37 -5.57 6.56
C ASN A 431 -17.47 -5.91 7.56
N VAL A 432 -17.43 -5.30 8.71
CA VAL A 432 -18.42 -5.59 9.73
C VAL A 432 -19.45 -4.47 9.93
N VAL A 433 -20.68 -4.87 10.19
CA VAL A 433 -21.78 -3.94 10.39
C VAL A 433 -21.73 -3.39 11.82
N VAL A 434 -21.78 -2.07 11.93
CA VAL A 434 -21.72 -1.40 13.22
C VAL A 434 -22.82 -0.37 13.22
N TYR A 435 -23.04 0.27 14.36
CA TYR A 435 -24.03 1.35 14.44
C TYR A 435 -23.63 2.28 15.57
N ALA A 436 -24.21 3.47 15.56
CA ALA A 436 -23.90 4.48 16.56
C ALA A 436 -25.15 5.25 16.94
N ASP A 437 -25.39 5.32 18.25
CA ASP A 437 -26.51 6.08 18.77
C ASP A 437 -25.93 7.46 19.00
N MET A 438 -26.50 8.45 18.30
CA MET A 438 -26.05 9.83 18.41
C MET A 438 -27.22 10.81 18.43
N THR A 439 -26.91 12.04 18.83
CA THR A 439 -27.91 13.09 18.94
C THR A 439 -28.16 13.89 17.66
N GLY A 440 -29.33 14.53 17.58
CA GLY A 440 -29.68 15.33 16.42
C GLY A 440 -28.54 16.24 16.00
N LYS A 441 -27.96 16.94 16.96
CA LYS A 441 -26.84 17.81 16.62
C LYS A 441 -25.74 17.08 15.90
N GLU A 442 -25.38 15.92 16.43
CA GLU A 442 -24.32 15.07 15.89
C GLU A 442 -24.57 14.53 14.50
N VAL A 443 -25.82 14.19 14.20
CA VAL A 443 -26.12 13.66 12.88
C VAL A 443 -25.97 14.78 11.87
N ILE A 444 -26.31 16.01 12.28
CA ILE A 444 -26.19 17.16 11.40
C ILE A 444 -24.72 17.42 11.08
N ASP A 445 -23.85 17.36 12.07
CA ASP A 445 -22.41 17.59 11.82
C ASP A 445 -21.79 16.49 10.96
N TYR A 446 -22.23 15.25 11.20
CA TYR A 446 -21.72 14.07 10.48
C TYR A 446 -22.11 14.12 9.01
N LEU A 447 -23.42 14.20 8.75
CA LEU A 447 -23.92 14.24 7.37
C LEU A 447 -23.35 15.41 6.63
N THR A 448 -23.25 16.55 7.30
CA THR A 448 -22.70 17.72 6.66
C THR A 448 -21.29 17.38 6.21
N ALA A 449 -20.58 16.66 7.05
CA ALA A 449 -19.23 16.30 6.69
C ALA A 449 -19.30 15.37 5.51
N VAL A 450 -20.10 14.31 5.63
CA VAL A 450 -20.21 13.32 4.58
C VAL A 450 -20.77 13.83 3.25
N ALA A 451 -21.64 14.83 3.31
CA ALA A 451 -22.23 15.39 2.09
C ALA A 451 -21.16 16.09 1.27
N GLN A 452 -19.98 16.27 1.87
CA GLN A 452 -18.86 16.94 1.22
C GLN A 452 -18.13 15.99 0.29
N MET A 453 -18.07 14.70 0.64
CA MET A 453 -17.44 13.73 -0.24
C MET A 453 -17.95 13.94 -1.65
N LYS A 454 -17.05 13.85 -2.63
CA LYS A 454 -17.40 14.13 -4.01
C LYS A 454 -17.60 12.94 -4.92
N PRO A 455 -18.45 13.10 -5.95
CA PRO A 455 -18.70 12.01 -6.87
C PRO A 455 -17.48 11.73 -7.70
N ASP A 456 -17.49 10.61 -8.39
CA ASP A 456 -16.37 10.19 -9.21
C ASP A 456 -15.22 9.68 -8.31
N SER A 457 -15.56 9.32 -7.05
CA SER A 457 -14.61 8.74 -6.09
C SER A 457 -15.34 7.64 -5.31
N GLY A 458 -14.57 6.70 -4.74
CA GLY A 458 -15.15 5.61 -3.95
C GLY A 458 -15.66 6.08 -2.60
N ALA A 459 -15.34 7.32 -2.24
CA ALA A 459 -15.78 7.89 -0.99
C ALA A 459 -17.16 8.52 -1.13
N TYR A 460 -17.70 8.53 -2.34
CA TYR A 460 -19.02 9.09 -2.57
C TYR A 460 -20.05 8.30 -1.74
N PRO A 461 -20.87 9.01 -0.93
CA PRO A 461 -21.88 8.42 -0.05
C PRO A 461 -23.24 7.98 -0.61
N GLN A 462 -23.64 6.77 -0.24
CA GLN A 462 -24.93 6.20 -0.57
C GLN A 462 -25.73 6.39 0.72
N PHE A 463 -26.91 7.00 0.63
CA PHE A 463 -27.73 7.25 1.81
C PHE A 463 -28.99 6.39 1.83
N ALA A 464 -29.62 6.31 3.01
CA ALA A 464 -30.86 5.56 3.21
C ALA A 464 -31.56 6.25 4.40
N ASN A 465 -32.83 6.65 4.20
CA ASN A 465 -33.68 7.36 5.19
C ASN A 465 -33.27 8.81 5.46
N VAL A 466 -32.51 9.37 4.53
CA VAL A 466 -32.04 10.73 4.62
C VAL A 466 -32.35 11.42 3.29
N SER A 467 -32.96 12.61 3.40
CA SER A 467 -33.32 13.42 2.24
C SER A 467 -32.88 14.86 2.50
N PHE A 468 -32.26 15.47 1.50
CA PHE A 468 -31.77 16.83 1.65
C PHE A 468 -31.40 17.46 0.31
N VAL A 469 -31.01 18.73 0.37
CA VAL A 469 -30.58 19.54 -0.79
C VAL A 469 -29.37 20.38 -0.37
N ALA A 470 -28.17 19.98 -0.76
CA ALA A 470 -26.95 20.70 -0.36
C ALA A 470 -26.59 21.97 -1.15
N LYS A 471 -25.87 22.90 -0.47
CA LYS A 471 -25.41 24.19 -1.02
C LYS A 471 -24.26 24.92 -0.26
N LYS A 479 -33.81 16.31 7.12
CA LYS A 479 -34.81 15.27 7.59
C LYS A 479 -34.42 13.78 7.55
N ILE A 480 -34.63 13.10 8.69
CA ILE A 480 -34.36 11.68 8.84
C ILE A 480 -35.68 10.95 8.95
N LYS A 481 -36.00 10.18 7.90
CA LYS A 481 -37.24 9.40 7.83
C LYS A 481 -38.46 10.32 7.67
N GLY A 482 -38.29 11.38 6.90
CA GLY A 482 -39.40 12.29 6.70
C GLY A 482 -39.37 13.41 7.72
N GLU A 483 -39.57 13.07 8.98
CA GLU A 483 -39.55 14.12 9.97
C GLU A 483 -38.23 14.86 10.09
N PRO A 484 -38.31 16.16 10.42
CA PRO A 484 -37.22 17.12 10.61
C PRO A 484 -36.30 16.62 11.72
N VAL A 485 -35.03 17.03 11.71
CA VAL A 485 -34.12 16.54 12.74
C VAL A 485 -34.21 17.23 14.08
N ASP A 486 -34.81 16.58 15.06
CA ASP A 486 -34.85 17.19 16.38
C ASP A 486 -33.41 17.19 16.89
N PRO A 487 -32.84 18.38 17.14
CA PRO A 487 -31.47 18.51 17.63
C PRO A 487 -31.21 17.71 18.89
N ALA A 488 -32.14 17.83 19.81
CA ALA A 488 -32.01 17.15 21.10
C ALA A 488 -32.63 15.78 21.11
N LYS A 489 -32.52 15.07 20.00
CA LYS A 489 -33.07 13.72 19.97
C LYS A 489 -31.96 12.73 19.63
N THR A 490 -32.11 11.51 20.09
CA THR A 490 -31.12 10.50 19.82
C THR A 490 -31.54 9.64 18.65
N TYR A 491 -30.67 9.54 17.66
CA TYR A 491 -30.96 8.77 16.48
C TYR A 491 -29.89 7.69 16.35
N ARG A 492 -30.29 6.56 15.74
CA ARG A 492 -29.35 5.46 15.49
C ARG A 492 -28.94 5.32 14.03
N MET A 493 -27.64 5.41 13.76
CA MET A 493 -27.11 5.30 12.41
C MET A 493 -26.32 4.00 12.19
N ALA A 494 -26.57 3.31 11.10
CA ALA A 494 -25.82 2.10 10.82
C ALA A 494 -24.84 2.40 9.71
N THR A 495 -23.73 1.67 9.68
CA THR A 495 -22.74 1.82 8.63
C THR A 495 -21.77 0.62 8.71
N LEU A 496 -20.60 0.72 8.06
CA LEU A 496 -19.58 -0.34 8.12
C LEU A 496 -18.39 0.16 8.93
N ASN A 497 -17.75 -0.77 9.62
CA ASN A 497 -16.58 -0.49 10.45
C ASN A 497 -15.54 0.32 9.68
N PHE A 498 -15.42 0.03 8.38
CA PHE A 498 -14.48 0.72 7.50
C PHE A 498 -14.66 2.23 7.54
N ASN A 499 -15.88 2.68 7.29
CA ASN A 499 -16.16 4.11 7.32
C ASN A 499 -16.23 4.63 8.73
N ALA A 500 -16.62 3.78 9.66
CA ALA A 500 -16.75 4.15 11.07
C ALA A 500 -15.41 4.54 11.71
N THR A 501 -14.34 3.93 11.23
CA THR A 501 -13.04 4.19 11.76
C THR A 501 -12.31 5.22 10.94
N GLY A 502 -12.98 5.79 9.95
CA GLY A 502 -12.32 6.80 9.14
C GLY A 502 -12.15 6.51 7.66
N GLY A 503 -12.28 5.25 7.25
CA GLY A 503 -12.13 4.88 5.84
C GLY A 503 -12.68 5.91 4.87
N ASP A 504 -12.01 6.10 3.72
CA ASP A 504 -12.43 7.10 2.74
C ASP A 504 -12.57 8.47 3.40
N GLY A 505 -11.90 8.63 4.54
CA GLY A 505 -11.94 9.89 5.25
C GLY A 505 -13.23 10.26 5.95
N TYR A 506 -14.15 9.32 6.16
CA TYR A 506 -15.34 9.70 6.87
C TYR A 506 -14.99 9.98 8.31
N PRO A 507 -15.83 10.76 9.00
CA PRO A 507 -15.73 11.18 10.41
C PRO A 507 -15.72 9.93 11.33
N ARG A 508 -14.73 9.80 12.21
CA ARG A 508 -14.74 8.65 13.11
C ARG A 508 -15.87 8.64 14.13
N LEU A 509 -16.52 7.47 14.25
CA LEU A 509 -17.62 7.27 15.21
C LEU A 509 -17.01 6.32 16.23
N ASP A 510 -15.98 5.66 15.72
CA ASP A 510 -15.14 4.68 16.36
C ASP A 510 -14.89 4.86 17.86
N ASN A 511 -14.34 6.02 18.19
CA ASN A 511 -13.96 6.41 19.53
C ASN A 511 -15.07 7.14 20.29
N LYS A 512 -16.33 6.88 19.99
CA LYS A 512 -17.36 7.63 20.69
C LYS A 512 -18.44 6.82 21.37
N PRO A 513 -19.01 7.36 22.45
CA PRO A 513 -20.07 6.71 23.22
C PRO A 513 -21.25 6.30 22.31
N GLY A 514 -21.87 5.16 22.58
CA GLY A 514 -23.02 4.76 21.76
C GLY A 514 -22.64 4.01 20.50
N TYR A 515 -21.35 3.76 20.33
CA TYR A 515 -20.83 3.02 19.20
C TYR A 515 -20.79 1.54 19.52
N VAL A 516 -21.33 0.69 18.64
CA VAL A 516 -21.21 -0.73 18.91
C VAL A 516 -20.91 -1.47 17.61
N ASN A 517 -19.86 -2.29 17.62
CA ASN A 517 -19.53 -3.10 16.47
C ASN A 517 -20.30 -4.40 16.72
N THR A 518 -21.15 -4.81 15.78
CA THR A 518 -21.97 -6.02 16.01
C THR A 518 -21.26 -7.32 15.71
N GLY A 519 -20.19 -7.26 14.94
CA GLY A 519 -19.55 -8.51 14.61
C GLY A 519 -20.30 -9.22 13.48
N PHE A 520 -21.40 -8.67 12.97
CA PHE A 520 -22.09 -9.30 11.82
C PHE A 520 -21.44 -8.84 10.52
N ILE A 521 -21.18 -9.77 9.61
CA ILE A 521 -20.50 -9.45 8.37
C ILE A 521 -21.43 -8.93 7.27
N ASP A 522 -20.95 -7.90 6.56
CA ASP A 522 -21.68 -7.25 5.48
C ASP A 522 -22.50 -8.15 4.55
N ALA A 523 -21.83 -9.13 3.94
CA ALA A 523 -22.49 -10.02 3.01
C ALA A 523 -23.54 -10.89 3.69
N GLU A 524 -23.32 -11.23 4.97
CA GLU A 524 -24.27 -12.10 5.69
C GLU A 524 -25.54 -11.33 6.03
N VAL A 525 -25.36 -10.07 6.38
CA VAL A 525 -26.50 -9.22 6.67
C VAL A 525 -27.33 -9.02 5.39
N LEU A 526 -26.65 -8.83 4.24
CA LEU A 526 -27.39 -8.61 2.96
C LEU A 526 -28.16 -9.90 2.60
N LYS A 527 -27.44 -11.01 2.66
CA LYS A 527 -27.95 -12.34 2.36
C LYS A 527 -29.18 -12.68 3.21
N ALA A 528 -29.12 -12.37 4.50
CA ALA A 528 -30.26 -12.68 5.38
C ALA A 528 -31.48 -11.84 5.07
N TYR A 529 -31.25 -10.57 4.77
CA TYR A 529 -32.33 -9.64 4.44
C TYR A 529 -33.00 -10.07 3.14
N ILE A 530 -32.17 -10.44 2.15
CA ILE A 530 -32.67 -10.88 0.86
C ILE A 530 -33.53 -12.11 0.98
N GLN A 531 -33.03 -13.19 1.58
CA GLN A 531 -33.91 -14.34 1.65
C GLN A 531 -35.13 -14.04 2.49
N LYS A 532 -35.01 -13.13 3.44
CA LYS A 532 -36.15 -12.80 4.27
C LYS A 532 -37.16 -11.97 3.46
N SER A 533 -36.66 -11.21 2.50
CA SER A 533 -37.51 -10.36 1.71
C SER A 533 -37.89 -10.89 0.33
N SER A 534 -37.51 -12.10 -0.06
CA SER A 534 -37.89 -12.57 -1.39
C SER A 534 -39.33 -13.02 -1.57
N PRO A 535 -39.85 -12.80 -2.77
CA PRO A 535 -39.14 -12.19 -3.90
C PRO A 535 -38.99 -10.66 -3.84
N LEU A 536 -37.83 -10.14 -4.24
CA LEU A 536 -37.61 -8.70 -4.20
C LEU A 536 -38.24 -7.91 -5.36
N ASP A 537 -38.70 -6.70 -5.05
CA ASP A 537 -39.32 -5.75 -5.98
C ASP A 537 -38.46 -4.48 -6.00
N VAL A 538 -37.57 -4.35 -6.98
CA VAL A 538 -36.67 -3.19 -7.03
C VAL A 538 -37.35 -1.84 -7.00
N SER A 539 -38.66 -1.83 -7.13
CA SER A 539 -39.45 -0.59 -7.13
C SER A 539 -39.32 0.09 -5.78
N VAL A 540 -39.49 -0.73 -4.75
CA VAL A 540 -39.40 -0.32 -3.36
C VAL A 540 -38.05 0.29 -2.99
N TYR A 541 -37.03 0.02 -3.80
CA TYR A 541 -35.69 0.49 -3.53
C TYR A 541 -35.17 1.63 -4.41
N GLU A 542 -35.93 2.01 -5.43
CA GLU A 542 -35.54 3.14 -6.27
C GLU A 542 -35.48 4.44 -5.52
N PRO A 543 -34.32 5.10 -5.54
CA PRO A 543 -34.21 6.40 -4.85
C PRO A 543 -35.08 7.46 -5.60
N LYS A 544 -36.01 8.09 -4.89
CA LYS A 544 -36.91 9.07 -5.52
C LYS A 544 -36.33 10.48 -5.35
N GLY A 545 -35.06 10.65 -5.65
CA GLY A 545 -34.43 11.96 -5.50
C GLY A 545 -34.43 12.63 -4.13
N GLU A 546 -34.49 11.88 -3.02
CA GLU A 546 -34.49 12.50 -1.69
C GLU A 546 -33.28 13.32 -1.16
N VAL A 547 -32.06 13.05 -1.59
CA VAL A 547 -30.91 13.87 -1.17
C VAL A 547 -30.38 14.49 -2.47
N SER A 548 -30.00 15.76 -2.42
CA SER A 548 -29.52 16.44 -3.64
C SER A 548 -28.56 17.60 -3.39
N TRP A 549 -27.83 17.95 -4.44
CA TRP A 549 -26.84 19.04 -4.39
C TRP A 549 -27.04 20.11 -5.50
N TYR B 26 47.25 27.39 -4.14
CA TYR B 26 46.65 27.27 -2.77
C TYR B 26 47.71 27.57 -1.72
N GLU B 27 47.26 27.86 -0.49
CA GLU B 27 48.17 28.14 0.62
C GLU B 27 48.73 26.77 1.05
N GLN B 28 50.04 26.61 1.12
CA GLN B 28 50.51 25.29 1.48
C GLN B 28 50.20 24.91 2.91
N ASP B 29 49.94 23.62 3.11
CA ASP B 29 49.55 23.04 4.40
C ASP B 29 48.19 23.49 4.90
N LYS B 30 47.43 24.20 4.08
CA LYS B 30 46.11 24.60 4.52
C LYS B 30 45.13 23.48 4.16
N THR B 31 44.26 23.11 5.09
CA THR B 31 43.26 22.09 4.83
C THR B 31 42.01 22.84 4.39
N TYR B 32 41.62 22.67 3.14
CA TYR B 32 40.42 23.33 2.66
C TYR B 32 39.22 22.37 2.79
N LYS B 33 38.07 22.90 3.19
CA LYS B 33 36.85 22.12 3.30
C LYS B 33 35.95 22.53 2.15
N ILE B 34 35.60 21.55 1.35
CA ILE B 34 34.77 21.75 0.17
C ILE B 34 33.64 20.73 0.15
N THR B 35 32.43 21.23 0.01
CA THR B 35 31.25 20.37 -0.08
C THR B 35 30.67 20.49 -1.49
N VAL B 36 30.53 19.35 -2.17
CA VAL B 36 29.93 19.29 -3.50
C VAL B 36 28.50 18.73 -3.32
N LEU B 37 27.48 19.53 -3.63
CA LEU B 37 26.07 19.11 -3.55
C LEU B 37 25.64 18.79 -4.98
N HIS B 38 24.73 17.82 -5.18
CA HIS B 38 24.33 17.49 -6.56
C HIS B 38 22.96 16.83 -6.71
N THR B 39 22.34 17.00 -7.87
CA THR B 39 21.05 16.40 -8.22
C THR B 39 21.16 16.12 -9.72
N ASN B 40 20.21 15.37 -10.26
CA ASN B 40 20.22 15.05 -11.67
C ASN B 40 18.83 14.59 -12.13
N ASP B 41 18.64 14.60 -13.44
CA ASP B 41 17.41 14.16 -14.07
C ASP B 41 16.18 14.71 -13.37
N HIS B 42 16.18 16.04 -13.22
CA HIS B 42 15.11 16.82 -12.60
C HIS B 42 13.76 16.55 -13.31
N HIS B 43 13.81 16.46 -14.63
CA HIS B 43 12.62 16.19 -15.43
C HIS B 43 11.31 16.89 -15.07
N GLY B 44 11.38 18.22 -15.11
CA GLY B 44 10.23 19.07 -14.85
C GLY B 44 9.55 19.08 -13.50
N HIS B 45 10.19 18.51 -12.47
CA HIS B 45 9.58 18.48 -11.14
C HIS B 45 9.87 19.69 -10.27
N PHE B 46 9.55 20.89 -10.78
CA PHE B 46 9.79 22.12 -10.04
C PHE B 46 8.85 22.25 -8.86
N TRP B 47 7.68 21.62 -8.98
CA TRP B 47 6.68 21.70 -7.92
C TRP B 47 6.58 20.36 -7.17
N ARG B 48 6.22 20.40 -5.88
CA ARG B 48 6.11 19.18 -5.04
C ARG B 48 5.02 18.28 -5.61
N ASN B 49 5.06 16.97 -5.33
CA ASN B 49 4.04 16.09 -5.87
C ASN B 49 2.79 16.01 -4.99
N GLU B 50 1.80 15.29 -5.50
CA GLU B 50 0.50 15.06 -4.87
C GLU B 50 0.59 14.83 -3.38
N TYR B 51 1.68 14.23 -2.95
CA TYR B 51 1.87 13.90 -1.56
C TYR B 51 2.82 14.83 -0.84
N GLY B 52 3.09 15.99 -1.44
CA GLY B 52 3.99 16.93 -0.80
C GLY B 52 5.45 16.52 -0.78
N GLU B 53 5.84 15.65 -1.72
CA GLU B 53 7.24 15.21 -1.80
C GLU B 53 8.02 16.07 -2.78
N TYR B 54 9.33 16.15 -2.50
CA TYR B 54 10.31 16.92 -3.25
C TYR B 54 9.84 18.30 -3.74
N GLY B 55 10.25 18.72 -4.94
CA GLY B 55 9.87 20.06 -5.40
C GLY B 55 11.06 20.97 -5.09
N LEU B 56 11.24 22.07 -5.83
CA LEU B 56 12.36 22.99 -5.61
C LEU B 56 12.27 23.86 -4.35
N ALA B 57 11.08 24.20 -3.87
CA ALA B 57 10.97 25.04 -2.69
C ALA B 57 11.60 24.35 -1.48
N ALA B 58 11.33 23.06 -1.31
CA ALA B 58 11.92 22.32 -0.20
C ALA B 58 13.40 22.16 -0.49
N GLN B 59 13.77 21.98 -1.75
CA GLN B 59 15.17 21.82 -2.10
C GLN B 59 15.98 23.05 -1.73
N LYS B 60 15.42 24.25 -1.95
CA LYS B 60 16.13 25.49 -1.58
C LYS B 60 16.32 25.61 -0.07
N THR B 61 15.31 25.26 0.73
CA THR B 61 15.46 25.30 2.17
C THR B 61 16.60 24.42 2.68
N LEU B 62 16.80 23.27 2.03
CA LEU B 62 17.87 22.34 2.40
C LEU B 62 19.24 22.87 1.97
N VAL B 63 19.34 23.32 0.72
CA VAL B 63 20.61 23.82 0.21
C VAL B 63 21.06 25.11 0.93
N ASP B 64 20.12 26.02 1.23
CA ASP B 64 20.46 27.23 1.99
C ASP B 64 20.94 26.84 3.37
N GLY B 65 20.32 25.82 3.93
CA GLY B 65 20.71 25.37 5.25
C GLY B 65 22.13 24.89 5.25
N ILE B 66 22.48 24.06 4.26
CA ILE B 66 23.84 23.49 4.14
C ILE B 66 24.90 24.53 3.87
N ARG B 67 24.59 25.47 2.98
CA ARG B 67 25.53 26.52 2.65
C ARG B 67 25.89 27.27 3.93
N LYS B 68 24.93 27.34 4.86
CA LYS B 68 25.11 28.09 6.08
C LYS B 68 25.97 27.36 7.06
N GLU B 69 25.85 26.05 7.16
CA GLU B 69 26.73 25.37 8.10
C GLU B 69 28.14 25.38 7.53
N VAL B 70 28.25 25.09 6.23
CA VAL B 70 29.54 25.03 5.60
C VAL B 70 30.33 26.33 5.81
N ALA B 71 29.67 27.46 5.58
CA ALA B 71 30.30 28.75 5.74
C ALA B 71 30.81 28.85 7.16
N ALA B 72 29.91 28.62 8.10
CA ALA B 72 30.26 28.70 9.50
C ALA B 72 31.51 27.90 9.85
N GLU B 73 31.77 26.86 9.07
CA GLU B 73 32.91 25.97 9.28
C GLU B 73 34.08 26.41 8.42
N GLY B 74 33.90 27.51 7.70
CA GLY B 74 34.95 28.04 6.85
C GLY B 74 35.12 27.27 5.56
N GLY B 75 34.15 26.45 5.19
CA GLY B 75 34.31 25.68 3.97
C GLY B 75 33.62 26.28 2.77
N SER B 76 33.66 25.58 1.65
CA SER B 76 33.02 26.01 0.39
C SER B 76 31.98 25.03 -0.19
N VAL B 77 30.99 25.57 -0.88
CA VAL B 77 29.94 24.79 -1.49
C VAL B 77 29.96 24.98 -3.00
N LEU B 78 29.72 23.90 -3.72
CA LEU B 78 29.66 23.90 -5.18
C LEU B 78 28.40 23.04 -5.50
N LEU B 79 27.39 23.58 -6.17
CA LEU B 79 26.18 22.84 -6.48
C LEU B 79 26.05 22.49 -7.94
N LEU B 80 26.05 21.18 -8.24
CA LEU B 80 26.02 20.69 -9.61
C LEU B 80 24.80 19.86 -10.01
N SER B 81 24.46 19.93 -11.29
CA SER B 81 23.37 19.15 -11.87
C SER B 81 23.86 18.23 -12.96
N GLY B 82 23.37 16.99 -12.92
CA GLY B 82 23.75 16.01 -13.93
C GLY B 82 22.93 16.14 -15.21
N GLY B 83 22.05 17.13 -15.29
CA GLY B 83 21.29 17.31 -16.52
C GLY B 83 19.88 16.76 -16.60
N ASP B 84 19.27 16.82 -17.79
CA ASP B 84 17.90 16.41 -17.97
C ASP B 84 16.91 17.18 -17.10
N ILE B 85 16.84 18.49 -17.36
CA ILE B 85 15.94 19.40 -16.63
C ILE B 85 14.57 19.33 -17.34
N ASN B 86 14.63 19.21 -18.66
CA ASN B 86 13.46 19.12 -19.52
C ASN B 86 12.74 17.77 -19.53
N THR B 87 11.43 17.84 -19.74
CA THR B 87 10.54 16.69 -19.95
C THR B 87 10.16 15.76 -18.81
N GLY B 88 8.88 15.77 -18.40
CA GLY B 88 8.48 14.88 -17.33
C GLY B 88 7.20 15.26 -16.61
N VAL B 89 6.85 16.55 -16.61
CA VAL B 89 5.64 17.06 -15.92
C VAL B 89 4.94 18.01 -16.91
N PRO B 90 3.61 17.83 -17.16
CA PRO B 90 2.85 18.67 -18.10
C PRO B 90 3.01 20.18 -17.92
N GLU B 91 2.82 20.65 -16.69
CA GLU B 91 2.93 22.08 -16.39
C GLU B 91 4.28 22.63 -16.78
N SER B 92 5.32 21.81 -16.66
CA SER B 92 6.66 22.20 -17.02
C SER B 92 6.89 22.10 -18.52
N ASP B 93 6.49 20.98 -19.12
CA ASP B 93 6.70 20.75 -20.56
C ASP B 93 6.05 21.89 -21.36
N LEU B 94 4.81 22.18 -21.01
CA LEU B 94 4.04 23.21 -21.70
C LEU B 94 4.74 24.55 -21.70
N GLN B 95 5.48 24.83 -20.63
CA GLN B 95 6.19 26.11 -20.52
C GLN B 95 7.69 26.02 -20.87
N ASP B 96 8.10 24.94 -21.54
CA ASP B 96 9.50 24.71 -21.91
C ASP B 96 10.50 24.80 -20.74
N ALA B 97 10.07 24.26 -19.61
CA ALA B 97 10.86 24.22 -18.39
C ALA B 97 11.29 25.58 -17.83
N GLU B 98 10.63 26.66 -18.22
CA GLU B 98 11.02 27.95 -17.69
C GLU B 98 10.92 28.01 -16.17
N PRO B 99 9.79 27.54 -15.61
CA PRO B 99 9.79 27.62 -14.14
C PRO B 99 10.94 26.80 -13.51
N ASP B 100 11.35 25.71 -14.18
CA ASP B 100 12.44 24.86 -13.67
C ASP B 100 13.79 25.61 -13.68
N PHE B 101 14.19 26.21 -14.81
CA PHE B 101 15.44 26.97 -14.89
C PHE B 101 15.51 28.19 -14.00
N ARG B 102 14.39 28.91 -13.84
CA ARG B 102 14.36 30.05 -12.93
C ARG B 102 14.43 29.56 -11.49
N GLY B 103 13.80 28.43 -11.22
CA GLY B 103 13.85 27.85 -9.88
C GLY B 103 15.30 27.50 -9.50
N MET B 104 16.06 26.95 -10.45
CA MET B 104 17.47 26.58 -10.22
C MET B 104 18.36 27.79 -9.94
N ASN B 105 18.05 28.94 -10.56
CA ASN B 105 18.79 30.19 -10.32
C ASN B 105 18.63 30.61 -8.88
N LEU B 106 17.42 30.46 -8.35
CA LEU B 106 17.17 30.82 -6.97
C LEU B 106 17.76 29.79 -5.98
N VAL B 107 17.98 28.54 -6.41
CA VAL B 107 18.59 27.55 -5.53
C VAL B 107 20.09 27.83 -5.51
N GLY B 108 20.61 28.34 -6.62
CA GLY B 108 22.02 28.65 -6.66
C GLY B 108 22.91 27.66 -7.37
N TYR B 109 22.42 26.98 -8.39
CA TYR B 109 23.27 26.06 -9.11
C TYR B 109 24.48 26.72 -9.71
N ASP B 110 25.62 26.04 -9.69
CA ASP B 110 26.86 26.58 -10.27
C ASP B 110 27.13 26.11 -11.70
N ALA B 111 26.64 24.93 -12.06
CA ALA B 111 26.83 24.46 -13.42
C ALA B 111 25.93 23.27 -13.64
N MET B 112 25.75 22.90 -14.91
CA MET B 112 24.87 21.81 -15.32
C MET B 112 25.42 21.07 -16.52
N ALA B 113 25.34 19.74 -16.52
CA ALA B 113 25.79 19.02 -17.70
C ALA B 113 24.54 18.96 -18.57
N ILE B 114 24.73 18.92 -19.88
CA ILE B 114 23.60 18.83 -20.80
C ILE B 114 23.15 17.38 -20.94
N GLY B 115 21.85 17.15 -20.72
CA GLY B 115 21.31 15.81 -20.83
C GLY B 115 20.65 15.55 -22.17
N ASN B 116 20.45 14.28 -22.48
CA ASN B 116 19.82 13.91 -23.75
C ASN B 116 18.46 14.55 -23.93
N HIS B 117 17.66 14.67 -22.88
CA HIS B 117 16.37 15.32 -23.02
C HIS B 117 16.40 16.84 -23.23
N GLU B 118 17.57 17.48 -23.14
CA GLU B 118 17.63 18.90 -23.43
C GLU B 118 17.41 19.04 -24.94
N PHE B 119 17.45 17.91 -25.65
CA PHE B 119 17.25 17.92 -27.11
C PHE B 119 15.86 17.51 -27.56
N ASP B 120 14.91 17.55 -26.63
CA ASP B 120 13.52 17.23 -26.93
C ASP B 120 12.95 18.42 -27.65
N ASN B 121 13.49 19.61 -27.40
CA ASN B 121 13.03 20.80 -28.10
C ASN B 121 14.08 21.19 -29.12
N PRO B 122 13.72 22.07 -30.07
CA PRO B 122 14.62 22.55 -31.10
C PRO B 122 15.76 23.32 -30.43
N LEU B 123 16.96 23.33 -31.01
CA LEU B 123 18.12 24.03 -30.43
C LEU B 123 17.83 25.49 -30.14
N THR B 124 16.79 26.00 -30.79
CA THR B 124 16.39 27.37 -30.61
C THR B 124 15.88 27.59 -29.18
N VAL B 125 15.10 26.63 -28.68
CA VAL B 125 14.55 26.67 -27.31
C VAL B 125 15.62 26.47 -26.22
N LEU B 126 16.57 25.56 -26.49
CA LEU B 126 17.66 25.27 -25.57
C LEU B 126 18.46 26.54 -25.39
N ARG B 127 18.89 27.16 -26.49
CA ARG B 127 19.64 28.43 -26.40
C ARG B 127 18.88 29.39 -25.50
N GLN B 128 17.56 29.34 -25.59
CA GLN B 128 16.71 30.19 -24.77
C GLN B 128 16.86 29.86 -23.30
N GLN B 129 16.98 28.55 -23.02
CA GLN B 129 17.11 28.06 -21.64
C GLN B 129 18.49 28.42 -21.12
N GLU B 130 19.44 28.41 -22.03
CA GLU B 130 20.82 28.76 -21.73
C GLU B 130 20.85 30.26 -21.32
N LYS B 131 19.84 31.02 -21.75
CA LYS B 131 19.74 32.44 -21.39
C LYS B 131 18.92 32.69 -20.13
N TRP B 132 18.00 31.79 -19.78
CA TRP B 132 17.25 31.92 -18.53
C TRP B 132 18.16 31.56 -17.38
N ALA B 133 19.03 30.58 -17.63
CA ALA B 133 19.94 30.07 -16.62
C ALA B 133 21.10 31.02 -16.29
N LYS B 134 21.28 31.33 -15.01
CA LYS B 134 22.38 32.20 -14.58
C LYS B 134 23.68 31.44 -14.55
N PHE B 135 23.57 30.12 -14.71
CA PHE B 135 24.70 29.21 -14.69
C PHE B 135 24.95 28.61 -16.04
N PRO B 136 26.20 28.15 -16.29
CA PRO B 136 26.49 27.55 -17.59
C PRO B 136 25.95 26.13 -17.74
N LEU B 137 25.67 25.78 -18.99
CA LEU B 137 25.17 24.44 -19.32
C LEU B 137 26.36 23.94 -20.16
N LEU B 138 26.98 22.88 -19.67
CA LEU B 138 28.20 22.33 -20.25
C LEU B 138 28.09 21.03 -20.97
N SER B 139 28.87 20.92 -22.04
CA SER B 139 29.00 19.68 -22.79
C SER B 139 30.16 19.89 -23.73
N ALA B 140 31.22 19.12 -23.53
CA ALA B 140 32.42 19.21 -24.32
C ALA B 140 32.41 18.35 -25.58
N ASN B 141 31.65 17.25 -25.58
CA ASN B 141 31.62 16.30 -26.72
C ASN B 141 30.55 16.51 -27.81
N ILE B 142 29.88 17.66 -27.84
CA ILE B 142 28.85 17.92 -28.86
C ILE B 142 29.35 18.98 -29.85
N TYR B 143 29.51 18.55 -31.11
CA TYR B 143 29.98 19.38 -32.21
C TYR B 143 28.99 19.68 -33.31
N GLN B 144 29.27 20.75 -34.07
CA GLN B 144 28.45 21.15 -35.23
C GLN B 144 29.14 20.58 -36.49
N LYS B 145 28.55 19.58 -37.14
CA LYS B 145 29.21 19.00 -38.31
C LYS B 145 29.63 19.94 -39.43
N SER B 146 28.84 20.98 -39.67
CA SER B 146 29.19 21.94 -40.70
C SER B 146 30.55 22.53 -40.33
N THR B 147 30.62 23.25 -39.21
CA THR B 147 31.88 23.87 -38.77
C THR B 147 32.85 22.83 -38.20
N GLY B 148 32.42 22.09 -37.18
CA GLY B 148 33.28 21.08 -36.56
C GLY B 148 33.72 21.64 -35.22
N GLU B 149 32.86 22.47 -34.67
CA GLU B 149 33.16 23.10 -33.41
C GLU B 149 32.04 22.90 -32.40
N ARG B 150 32.44 22.83 -31.14
CA ARG B 150 31.53 22.65 -30.00
C ARG B 150 30.37 23.62 -30.02
N LEU B 151 29.17 23.15 -29.69
CA LEU B 151 27.99 24.02 -29.64
C LEU B 151 27.83 24.72 -28.29
N PHE B 152 28.40 24.14 -27.23
CA PHE B 152 28.26 24.73 -25.88
C PHE B 152 29.62 24.81 -25.18
N LYS B 153 29.64 25.38 -23.97
CA LYS B 153 30.90 25.48 -23.24
C LYS B 153 31.38 24.10 -22.80
N PRO B 154 32.67 23.79 -23.01
CA PRO B 154 33.23 22.49 -22.60
C PRO B 154 33.46 22.35 -21.08
N TRP B 155 33.70 23.48 -20.40
CA TRP B 155 33.92 23.48 -18.96
C TRP B 155 33.71 24.88 -18.39
N ALA B 156 33.83 25.00 -17.08
CA ALA B 156 33.70 26.30 -16.43
C ALA B 156 34.65 26.27 -15.25
N LEU B 157 35.23 27.41 -14.90
CA LEU B 157 36.12 27.49 -13.76
C LEU B 157 35.39 28.19 -12.65
N PHE B 158 35.64 27.76 -11.43
CA PHE B 158 35.03 28.39 -10.29
C PHE B 158 36.14 28.66 -9.29
N LYS B 159 36.07 29.79 -8.59
CA LYS B 159 37.06 30.01 -7.54
C LYS B 159 36.32 29.89 -6.24
N ARG B 160 36.91 29.19 -5.29
CA ARG B 160 36.38 29.02 -3.95
C ARG B 160 37.63 29.30 -3.16
N GLN B 161 37.53 30.31 -2.30
CA GLN B 161 38.69 30.79 -1.54
C GLN B 161 39.75 31.03 -2.62
N ASP B 162 40.95 30.47 -2.50
CA ASP B 162 41.94 30.70 -3.56
C ASP B 162 42.20 29.43 -4.34
N LEU B 163 41.19 28.57 -4.40
CA LEU B 163 41.31 27.34 -5.17
C LEU B 163 40.69 27.58 -6.56
N LYS B 164 41.21 26.87 -7.55
CA LYS B 164 40.74 26.98 -8.92
C LYS B 164 40.13 25.60 -9.29
N ILE B 165 38.80 25.54 -9.31
CA ILE B 165 38.08 24.31 -9.58
C ILE B 165 37.40 24.38 -10.95
N ALA B 166 37.75 23.45 -11.80
CA ALA B 166 37.19 23.39 -13.12
C ALA B 166 36.19 22.24 -13.22
N VAL B 167 35.06 22.48 -13.88
CA VAL B 167 34.03 21.49 -14.08
C VAL B 167 33.86 21.24 -15.57
N ILE B 168 34.01 19.99 -16.00
CA ILE B 168 33.81 19.69 -17.40
C ILE B 168 32.44 19.03 -17.55
N GLY B 169 31.82 19.14 -18.71
CA GLY B 169 30.52 18.53 -18.91
C GLY B 169 30.58 17.51 -20.03
N LEU B 170 29.84 16.43 -19.88
CA LEU B 170 29.81 15.40 -20.93
C LEU B 170 28.38 14.88 -21.11
N THR B 171 27.98 14.64 -22.36
CA THR B 171 26.63 14.17 -22.65
C THR B 171 26.66 12.85 -23.38
N THR B 172 25.85 11.88 -22.96
CA THR B 172 25.82 10.56 -23.62
C THR B 172 25.68 10.62 -25.16
N ASP B 173 26.36 9.70 -25.83
CA ASP B 173 26.32 9.66 -27.28
C ASP B 173 25.10 8.87 -27.83
N ASP B 174 24.30 8.30 -26.91
CA ASP B 174 23.05 7.64 -27.28
C ASP B 174 21.97 8.68 -27.59
N THR B 175 22.23 9.95 -27.29
CA THR B 175 21.26 11.04 -27.53
C THR B 175 20.73 11.08 -28.97
N ALA B 176 21.65 11.16 -29.92
CA ALA B 176 21.27 11.21 -31.32
C ALA B 176 20.56 9.92 -31.66
N LYS B 177 21.31 8.83 -31.64
CA LYS B 177 20.69 7.57 -31.97
C LYS B 177 19.47 7.25 -31.14
N ILE B 178 18.36 7.30 -31.85
CA ILE B 178 17.03 7.06 -31.34
C ILE B 178 16.95 7.67 -29.96
N GLY B 179 17.27 8.94 -29.97
CA GLY B 179 17.16 9.71 -28.79
C GLY B 179 15.93 10.36 -29.35
N ASN B 180 16.14 11.17 -30.38
CA ASN B 180 15.07 11.90 -31.06
C ASN B 180 15.57 12.45 -32.41
N PRO B 181 15.79 11.56 -33.40
CA PRO B 181 16.27 11.95 -34.74
C PRO B 181 15.57 13.21 -35.22
N GLU B 182 14.43 13.45 -34.59
CA GLU B 182 13.61 14.61 -34.82
C GLU B 182 14.45 15.89 -34.96
N TYR B 183 15.47 16.07 -34.13
CA TYR B 183 16.25 17.31 -34.16
C TYR B 183 17.79 17.26 -34.32
N PHE B 184 18.36 16.21 -34.91
CA PHE B 184 19.83 16.15 -34.94
C PHE B 184 20.60 16.28 -36.24
N THR B 185 20.33 17.34 -37.00
CA THR B 185 21.04 17.56 -38.26
C THR B 185 22.20 18.52 -38.06
N ASP B 186 23.34 18.15 -38.63
CA ASP B 186 24.55 18.95 -38.53
C ASP B 186 24.99 18.99 -37.05
N ILE B 187 24.64 17.95 -36.28
CA ILE B 187 25.04 17.81 -34.87
C ILE B 187 25.69 16.45 -34.63
N GLU B 188 26.88 16.47 -34.04
CA GLU B 188 27.65 15.25 -33.75
C GLU B 188 28.02 15.00 -32.26
N PHE B 189 27.73 13.79 -31.77
CA PHE B 189 28.07 13.42 -30.40
C PHE B 189 29.30 12.54 -30.41
N ARG B 190 30.46 13.06 -30.02
CA ARG B 190 31.68 12.25 -30.00
C ARG B 190 31.86 11.50 -28.67
N LYS B 191 32.45 10.31 -28.71
CA LYS B 191 32.67 9.49 -27.50
C LYS B 191 33.05 10.41 -26.35
N PRO B 192 32.27 10.42 -25.24
CA PRO B 192 32.55 11.27 -24.07
C PRO B 192 33.90 10.97 -23.44
N ALA B 193 34.22 9.69 -23.33
CA ALA B 193 35.48 9.26 -22.72
C ALA B 193 36.73 9.81 -23.42
N ASP B 194 36.70 9.81 -24.76
CA ASP B 194 37.81 10.31 -25.56
C ASP B 194 37.89 11.82 -25.41
N GLU B 195 36.75 12.48 -25.42
CA GLU B 195 36.71 13.92 -25.29
C GLU B 195 37.16 14.29 -23.85
N ALA B 196 36.87 13.43 -22.88
CA ALA B 196 37.26 13.70 -21.50
C ALA B 196 38.77 13.83 -21.46
N LYS B 197 39.45 12.87 -22.12
CA LYS B 197 40.91 12.85 -22.19
C LYS B 197 41.42 14.15 -22.79
N LEU B 198 40.89 14.53 -23.95
CA LEU B 198 41.33 15.76 -24.59
C LEU B 198 41.23 16.93 -23.64
N VAL B 199 40.03 17.18 -23.16
CA VAL B 199 39.76 18.26 -22.24
C VAL B 199 40.63 18.27 -20.97
N ILE B 200 40.80 17.15 -20.30
CA ILE B 200 41.64 17.17 -19.10
C ILE B 200 43.04 17.71 -19.49
N GLN B 201 43.59 17.16 -20.57
CA GLN B 201 44.88 17.60 -21.10
C GLN B 201 44.90 19.11 -21.32
N GLU B 202 43.91 19.65 -22.03
CA GLU B 202 43.87 21.10 -22.25
C GLU B 202 43.87 21.89 -20.94
N LEU B 203 43.00 21.54 -19.99
CA LEU B 203 42.96 22.27 -18.71
C LEU B 203 44.29 22.32 -17.99
N GLN B 204 44.98 21.17 -17.97
CA GLN B 204 46.27 21.08 -17.32
C GLN B 204 47.32 21.91 -18.02
N GLN B 205 47.29 21.97 -19.35
CA GLN B 205 48.26 22.76 -20.07
C GLN B 205 47.98 24.24 -19.99
N THR B 206 46.72 24.65 -19.90
CA THR B 206 46.40 26.07 -19.87
C THR B 206 45.94 26.67 -18.53
N GLU B 207 44.81 26.18 -18.04
CA GLU B 207 44.23 26.66 -16.78
C GLU B 207 44.88 26.16 -15.48
N LYS B 208 45.48 24.97 -15.51
CA LYS B 208 46.11 24.37 -14.34
C LYS B 208 45.18 24.51 -13.11
N PRO B 209 43.97 23.92 -13.17
CA PRO B 209 43.08 24.04 -12.00
C PRO B 209 43.58 23.15 -10.86
N ASP B 210 43.11 23.39 -9.64
CA ASP B 210 43.52 22.59 -8.49
C ASP B 210 42.72 21.31 -8.41
N ILE B 211 41.45 21.43 -8.81
CA ILE B 211 40.52 20.32 -8.73
C ILE B 211 39.80 20.29 -10.06
N ILE B 212 39.52 19.09 -10.56
CA ILE B 212 38.76 18.93 -11.78
C ILE B 212 37.63 17.95 -11.44
N ILE B 213 36.41 18.34 -11.79
CA ILE B 213 35.21 17.55 -11.54
C ILE B 213 34.45 17.45 -12.84
N ALA B 214 33.89 16.28 -13.13
CA ALA B 214 33.11 16.08 -14.34
C ALA B 214 31.63 15.91 -14.04
N ALA B 215 30.77 16.72 -14.66
CA ALA B 215 29.33 16.56 -14.51
C ALA B 215 29.00 15.84 -15.82
N THR B 216 28.46 14.64 -15.69
CA THR B 216 28.17 13.89 -16.87
C THR B 216 26.72 13.47 -16.91
N HIS B 217 26.24 13.17 -18.11
CA HIS B 217 24.90 12.64 -18.32
C HIS B 217 25.16 11.39 -19.18
N MET B 218 25.66 10.33 -18.51
CA MET B 218 26.03 9.09 -19.17
C MET B 218 25.48 7.77 -18.57
N GLY B 219 25.22 7.74 -17.26
CA GLY B 219 24.67 6.56 -16.66
C GLY B 219 25.67 5.69 -15.92
N HIS B 220 25.23 5.08 -14.83
CA HIS B 220 26.09 4.20 -14.05
C HIS B 220 25.64 2.74 -14.20
N TYR B 221 26.55 1.91 -14.69
CA TYR B 221 26.27 0.49 -14.90
C TYR B 221 27.25 -0.28 -14.04
N ASP B 222 26.70 -1.14 -13.18
CA ASP B 222 27.53 -1.92 -12.29
C ASP B 222 28.66 -2.60 -13.02
N ASN B 223 29.86 -2.31 -12.57
CA ASN B 223 31.04 -2.91 -13.10
C ASN B 223 31.30 -2.59 -14.57
N GLY B 224 30.74 -1.48 -15.05
CA GLY B 224 30.96 -1.09 -16.44
C GLY B 224 30.19 -1.91 -17.46
N GLU B 225 29.19 -2.64 -17.02
CA GLU B 225 28.38 -3.41 -17.95
C GLU B 225 27.18 -2.64 -18.54
N HIS B 226 27.47 -1.82 -19.54
CA HIS B 226 26.48 -0.98 -20.15
C HIS B 226 25.67 -1.69 -21.22
N GLY B 227 26.04 -2.93 -21.52
CA GLY B 227 25.30 -3.66 -22.54
C GLY B 227 25.18 -2.97 -23.89
N SER B 228 23.95 -2.91 -24.38
CA SER B 228 23.71 -2.28 -25.67
C SER B 228 23.70 -0.73 -25.58
N ASN B 229 23.63 -0.19 -24.37
CA ASN B 229 23.66 1.27 -24.21
C ASN B 229 25.07 1.74 -24.36
N ALA B 230 25.24 3.01 -24.66
CA ALA B 230 26.57 3.57 -24.81
C ALA B 230 27.31 3.47 -23.46
N PRO B 231 28.65 3.36 -23.51
CA PRO B 231 29.46 3.28 -22.30
C PRO B 231 29.17 4.50 -21.39
N GLY B 232 29.20 4.29 -20.07
CA GLY B 232 28.93 5.37 -19.14
C GLY B 232 30.10 5.78 -18.24
N ASP B 233 29.75 6.24 -17.04
CA ASP B 233 30.74 6.69 -16.05
C ASP B 233 31.81 5.67 -15.65
N VAL B 234 31.43 4.42 -15.37
CA VAL B 234 32.42 3.42 -14.97
C VAL B 234 33.53 3.18 -16.00
N GLU B 235 33.20 2.88 -17.26
CA GLU B 235 34.29 2.69 -18.22
C GLU B 235 35.09 3.96 -18.44
N MET B 236 34.43 5.12 -18.45
CA MET B 236 35.20 6.33 -18.65
C MET B 236 36.25 6.48 -17.55
N ALA B 237 35.87 6.32 -16.28
CA ALA B 237 36.83 6.45 -15.19
C ALA B 237 37.97 5.43 -15.28
N ARG B 238 37.66 4.20 -15.68
CA ARG B 238 38.69 3.20 -15.80
C ARG B 238 39.60 3.56 -16.97
N ALA B 239 39.11 4.36 -17.90
CA ALA B 239 39.88 4.73 -19.07
C ALA B 239 40.66 6.04 -18.96
N LEU B 240 40.67 6.66 -17.80
CA LEU B 240 41.40 7.90 -17.65
C LEU B 240 42.56 7.71 -16.65
N PRO B 241 43.52 8.66 -16.64
CA PRO B 241 44.65 8.60 -15.71
C PRO B 241 44.08 8.46 -14.29
N ALA B 242 44.65 7.58 -13.47
CA ALA B 242 44.15 7.38 -12.11
C ALA B 242 43.99 8.68 -11.34
N GLY B 243 42.89 8.81 -10.61
CA GLY B 243 42.60 10.00 -9.84
C GLY B 243 42.72 11.35 -10.56
N SER B 244 42.59 11.37 -11.90
CA SER B 244 42.69 12.62 -12.65
C SER B 244 41.46 13.53 -12.51
N LEU B 245 40.39 12.99 -11.93
CA LEU B 245 39.13 13.70 -11.64
C LEU B 245 38.82 13.43 -10.16
N ALA B 246 38.46 14.45 -9.39
CA ALA B 246 38.13 14.23 -7.99
C ALA B 246 36.89 13.34 -7.98
N MET B 247 35.90 13.69 -8.80
CA MET B 247 34.69 12.92 -8.91
C MET B 247 33.91 13.17 -10.21
N ILE B 248 32.92 12.32 -10.41
CA ILE B 248 32.00 12.37 -11.52
C ILE B 248 30.62 12.49 -10.88
N VAL B 249 29.92 13.57 -11.23
CA VAL B 249 28.56 13.86 -10.81
C VAL B 249 27.73 13.37 -12.00
N GLY B 250 27.09 12.22 -11.87
CA GLY B 250 26.37 11.66 -12.98
C GLY B 250 24.86 11.82 -13.12
N GLY B 251 24.31 11.08 -14.07
CA GLY B 251 22.89 11.13 -14.31
C GLY B 251 22.46 10.15 -15.37
N HIS B 252 21.29 10.40 -15.95
CA HIS B 252 20.75 9.61 -17.06
C HIS B 252 20.19 8.23 -16.76
N SER B 253 20.98 7.33 -16.17
CA SER B 253 20.45 6.01 -15.84
C SER B 253 19.41 6.22 -14.73
N GLN B 254 19.56 7.32 -13.98
CA GLN B 254 18.63 7.67 -12.91
C GLN B 254 18.54 6.73 -11.75
N ASP B 255 19.65 6.57 -11.06
CA ASP B 255 19.76 5.69 -9.90
C ASP B 255 20.49 6.38 -8.80
N PRO B 256 20.25 5.94 -7.58
CA PRO B 256 20.98 6.49 -6.44
C PRO B 256 22.18 5.49 -6.45
N VAL B 257 23.39 6.01 -6.57
CA VAL B 257 24.57 5.16 -6.60
C VAL B 257 25.08 4.95 -5.16
N CYS B 258 24.61 3.87 -4.53
CA CYS B 258 25.00 3.52 -3.16
C CYS B 258 25.42 2.06 -3.32
N MET B 259 26.69 1.73 -3.14
CA MET B 259 27.17 0.36 -3.35
C MET B 259 26.81 -0.63 -2.24
N ALA B 260 26.44 -1.84 -2.65
CA ALA B 260 26.07 -2.93 -1.76
C ALA B 260 27.30 -3.81 -1.59
N ALA B 261 28.16 -3.77 -2.60
CA ALA B 261 29.39 -4.52 -2.60
C ALA B 261 30.27 -3.90 -3.66
N GLU B 262 31.47 -4.42 -3.79
CA GLU B 262 32.41 -3.92 -4.79
C GLU B 262 31.73 -4.18 -6.14
N ASN B 263 31.58 -3.12 -6.96
CA ASN B 263 30.91 -3.18 -8.27
C ASN B 263 29.47 -3.66 -8.27
N LYS B 264 28.80 -3.53 -7.14
CA LYS B 264 27.41 -3.92 -7.09
C LYS B 264 26.63 -2.89 -6.26
N LYS B 265 25.79 -2.16 -6.95
CA LYS B 265 24.96 -1.09 -6.43
C LYS B 265 23.72 -1.69 -5.74
N GLN B 266 23.26 -1.12 -4.62
CA GLN B 266 22.08 -1.67 -3.95
C GLN B 266 20.87 -1.64 -4.87
N VAL B 267 20.06 -2.70 -4.86
CA VAL B 267 18.89 -2.78 -5.73
C VAL B 267 17.70 -1.91 -5.33
N ASP B 268 17.34 -1.89 -4.06
CA ASP B 268 16.27 -1.00 -3.64
C ASP B 268 16.69 -0.22 -2.44
N TYR B 269 17.49 0.81 -2.72
CA TYR B 269 18.03 1.69 -1.71
C TYR B 269 16.87 2.28 -0.90
N VAL B 270 17.03 2.32 0.41
CA VAL B 270 16.00 2.88 1.29
C VAL B 270 16.31 4.33 1.69
N PRO B 271 15.44 5.27 1.31
CA PRO B 271 15.65 6.67 1.66
C PRO B 271 16.02 6.81 3.13
N GLY B 272 17.12 7.51 3.41
CA GLY B 272 17.53 7.73 4.78
C GLY B 272 18.59 6.78 5.27
N THR B 273 19.03 5.85 4.45
CA THR B 273 20.04 4.94 4.95
C THR B 273 21.43 5.33 4.42
N PRO B 274 22.49 4.80 5.03
CA PRO B 274 23.87 5.08 4.61
C PRO B 274 24.06 4.78 3.13
N CYS B 275 24.78 5.64 2.43
CA CYS B 275 25.02 5.45 1.01
C CYS B 275 26.50 5.52 0.70
N LYS B 276 27.07 4.44 0.20
CA LYS B 276 28.46 4.52 -0.15
C LYS B 276 28.55 4.68 -1.67
N PRO B 277 29.12 5.80 -2.16
CA PRO B 277 29.23 6.02 -3.59
C PRO B 277 30.27 5.07 -4.17
N ASP B 278 30.27 4.91 -5.48
CA ASP B 278 31.18 4.02 -6.14
C ASP B 278 32.51 4.76 -6.31
N GLN B 279 33.59 4.01 -6.49
CA GLN B 279 34.86 4.63 -6.74
C GLN B 279 35.57 3.72 -7.72
N GLN B 280 36.02 4.30 -8.83
CA GLN B 280 36.68 3.53 -9.88
C GLN B 280 37.93 4.26 -10.31
N ASN B 281 39.07 3.55 -10.22
CA ASN B 281 40.37 4.05 -10.60
C ASN B 281 40.68 5.37 -9.85
N GLY B 282 40.35 5.38 -8.55
CA GLY B 282 40.58 6.55 -7.72
C GLY B 282 39.59 7.68 -7.97
N ILE B 283 38.60 7.45 -8.82
CA ILE B 283 37.65 8.50 -9.12
C ILE B 283 36.28 8.17 -8.53
N TRP B 284 35.77 9.02 -7.65
CA TRP B 284 34.44 8.81 -7.07
C TRP B 284 33.33 9.01 -8.11
N ILE B 285 32.31 8.15 -8.10
CA ILE B 285 31.20 8.26 -9.05
C ILE B 285 29.89 8.33 -8.24
N VAL B 286 29.15 9.43 -8.36
CA VAL B 286 27.92 9.59 -7.60
C VAL B 286 26.73 9.87 -8.53
N GLN B 287 25.51 9.68 -8.03
CA GLN B 287 24.28 9.99 -8.78
C GLN B 287 23.15 10.08 -7.78
N ALA B 288 22.24 11.03 -7.95
CA ALA B 288 21.21 11.19 -6.94
C ALA B 288 19.80 10.81 -7.39
N HIS B 289 19.75 9.74 -8.16
CA HIS B 289 18.50 9.16 -8.62
C HIS B 289 17.73 10.00 -9.63
N GLU B 290 16.73 10.77 -9.20
CA GLU B 290 15.93 11.55 -10.14
C GLU B 290 14.93 12.47 -9.46
N TRP B 291 14.39 13.39 -10.25
CA TRP B 291 13.32 14.28 -9.82
C TRP B 291 13.47 15.17 -8.58
N GLY B 292 14.66 15.37 -8.05
CA GLY B 292 14.78 16.19 -6.86
C GLY B 292 14.35 15.42 -5.61
N LYS B 293 14.39 14.08 -5.69
CA LYS B 293 14.03 13.20 -4.57
C LYS B 293 15.15 13.24 -3.57
N TYR B 294 16.34 13.56 -4.07
CA TYR B 294 17.54 13.67 -3.23
C TYR B 294 18.50 14.78 -3.65
N VAL B 295 19.24 15.23 -2.64
CA VAL B 295 20.33 16.16 -2.79
C VAL B 295 21.48 15.34 -2.18
N GLY B 296 22.44 14.97 -3.04
CA GLY B 296 23.60 14.22 -2.60
C GLY B 296 24.58 15.26 -2.09
N ARG B 297 25.30 14.90 -1.04
CA ARG B 297 26.27 15.79 -0.42
C ARG B 297 27.60 15.06 -0.21
N ALA B 298 28.66 15.52 -0.88
CA ALA B 298 29.98 14.93 -0.74
C ALA B 298 30.89 15.95 -0.08
N ASP B 299 31.44 15.60 1.08
CA ASP B 299 32.38 16.47 1.81
C ASP B 299 33.83 16.01 1.57
N PHE B 300 34.68 16.97 1.21
CA PHE B 300 36.07 16.70 0.94
C PHE B 300 36.96 17.61 1.76
N GLU B 301 38.25 17.28 1.78
CA GLU B 301 39.26 18.15 2.35
C GLU B 301 40.38 18.12 1.37
N PHE B 302 40.84 19.30 0.98
CA PHE B 302 41.95 19.43 0.03
C PHE B 302 43.15 19.97 0.82
N ARG B 303 44.31 19.36 0.62
CA ARG B 303 45.52 19.72 1.37
C ARG B 303 46.66 19.42 0.43
N ASN B 304 47.42 20.43 0.09
CA ASN B 304 48.58 20.24 -0.75
C ASN B 304 48.38 19.35 -1.97
N GLY B 305 47.38 19.64 -2.79
CA GLY B 305 47.17 18.82 -3.96
C GLY B 305 46.27 17.63 -3.71
N GLU B 306 46.28 17.10 -2.51
CA GLU B 306 45.45 15.95 -2.18
C GLU B 306 43.96 16.28 -2.01
N MET B 307 43.10 15.62 -2.79
CA MET B 307 41.63 15.80 -2.68
C MET B 307 41.05 14.51 -2.03
N LYS B 308 40.45 14.62 -0.84
CA LYS B 308 39.99 13.42 -0.13
C LYS B 308 38.56 13.51 0.40
N MET B 309 37.73 12.55 0.02
CA MET B 309 36.34 12.58 0.45
C MET B 309 36.32 12.16 1.92
N VAL B 310 35.70 12.95 2.77
CA VAL B 310 35.64 12.58 4.16
C VAL B 310 34.22 12.23 4.56
N ASN B 311 33.28 12.37 3.64
CA ASN B 311 31.90 12.03 3.96
C ASN B 311 30.94 12.10 2.77
N TYR B 312 29.92 11.25 2.76
CA TYR B 312 28.94 11.29 1.70
C TYR B 312 27.57 10.94 2.23
N GLN B 313 26.55 11.67 1.81
CA GLN B 313 25.17 11.43 2.22
C GLN B 313 24.27 11.66 1.04
N LEU B 314 23.11 11.05 1.06
CA LEU B 314 22.14 11.27 -0.01
C LEU B 314 20.98 11.73 0.91
N ILE B 315 20.59 12.99 0.80
CA ILE B 315 19.56 13.56 1.63
C ILE B 315 18.18 13.57 0.97
N PRO B 316 17.19 12.84 1.53
CA PRO B 316 15.84 12.79 0.94
C PRO B 316 15.19 14.17 0.99
N VAL B 317 14.36 14.47 0.00
CA VAL B 317 13.66 15.76 0.02
C VAL B 317 12.17 15.46 0.28
N ASN B 318 11.78 15.41 1.54
CA ASN B 318 10.40 15.12 1.91
C ASN B 318 9.81 13.89 1.22
N LEU B 319 10.60 12.82 1.20
CA LEU B 319 10.16 11.56 0.61
C LEU B 319 9.37 10.81 1.68
N LYS B 320 8.28 10.20 1.24
CA LYS B 320 7.35 9.45 2.07
C LYS B 320 7.20 8.00 1.65
N LYS B 321 6.99 7.13 2.65
CA LYS B 321 6.73 5.70 2.41
C LYS B 321 5.27 5.45 2.71
N LYS B 322 4.63 4.72 1.81
CA LYS B 322 3.22 4.37 1.96
C LYS B 322 3.15 3.18 2.93
N VAL B 323 2.59 3.40 4.12
CA VAL B 323 2.46 2.35 5.15
C VAL B 323 1.03 1.80 5.28
N THR B 324 0.86 0.49 5.12
CA THR B 324 -0.47 -0.12 5.26
C THR B 324 -0.41 -0.96 6.55
N TRP B 325 -1.25 -0.61 7.51
CA TRP B 325 -1.30 -1.31 8.78
C TRP B 325 -2.02 -2.68 8.73
N GLU B 326 -1.77 -3.50 9.75
CA GLU B 326 -2.31 -4.86 9.83
C GLU B 326 -3.83 -4.83 9.66
N ASP B 327 -4.45 -3.75 10.11
CA ASP B 327 -5.89 -3.55 10.00
C ASP B 327 -6.30 -2.96 8.64
N GLY B 328 -5.38 -2.93 7.67
CA GLY B 328 -5.75 -2.37 6.37
C GLY B 328 -5.53 -0.87 6.17
N LYS B 329 -5.37 -0.13 7.26
CA LYS B 329 -5.10 1.31 7.22
C LYS B 329 -3.77 1.62 6.53
N SER B 330 -3.75 2.56 5.60
CA SER B 330 -2.48 2.91 4.97
C SER B 330 -2.18 4.40 5.10
N GLU B 331 -0.93 4.77 5.31
CA GLU B 331 -0.55 6.18 5.45
C GLU B 331 0.69 6.40 4.61
N ARG B 332 1.16 7.64 4.61
CA ARG B 332 2.41 7.99 3.96
C ARG B 332 3.20 8.71 5.01
N VAL B 333 4.33 8.15 5.36
CA VAL B 333 5.12 8.79 6.39
C VAL B 333 6.52 9.14 5.92
N LEU B 334 6.99 10.31 6.35
CA LEU B 334 8.32 10.81 6.01
C LEU B 334 9.42 9.86 6.51
N TYR B 335 10.43 9.63 5.68
CA TYR B 335 11.53 8.80 6.14
C TYR B 335 12.43 9.65 7.02
N THR B 336 12.35 10.97 6.86
CA THR B 336 13.16 11.89 7.65
C THR B 336 12.35 13.12 8.02
N PRO B 337 12.87 13.94 8.94
CA PRO B 337 12.21 15.17 9.39
C PRO B 337 11.79 16.01 8.20
N GLU B 338 10.59 16.57 8.25
CA GLU B 338 10.09 17.36 7.14
C GLU B 338 10.98 18.55 6.88
N ILE B 339 11.00 18.96 5.62
CA ILE B 339 11.77 20.11 5.24
C ILE B 339 10.72 21.08 4.76
N ALA B 340 10.82 22.33 5.22
CA ALA B 340 9.87 23.39 4.86
C ALA B 340 10.07 24.00 3.49
N GLU B 341 9.00 24.42 2.85
CA GLU B 341 9.17 25.01 1.55
C GLU B 341 9.53 26.48 1.65
N ASN B 342 10.61 26.84 0.95
CA ASN B 342 11.06 28.19 0.94
C ASN B 342 9.98 29.06 0.32
N GLN B 343 9.47 30.02 1.08
CA GLN B 343 8.43 30.91 0.56
C GLN B 343 8.81 31.76 -0.63
N GLN B 344 10.05 32.21 -0.68
CA GLN B 344 10.51 33.01 -1.79
C GLN B 344 10.41 32.20 -3.08
N MET B 345 10.73 30.91 -2.98
CA MET B 345 10.67 30.00 -4.13
C MET B 345 9.21 29.76 -4.53
N ILE B 346 8.33 29.59 -3.54
CA ILE B 346 6.92 29.38 -3.81
C ILE B 346 6.36 30.56 -4.61
N SER B 347 6.71 31.78 -4.18
CA SER B 347 6.25 33.00 -4.84
C SER B 347 6.65 33.09 -6.29
N LEU B 348 7.83 32.55 -6.56
CA LEU B 348 8.37 32.55 -7.89
C LEU B 348 7.68 31.52 -8.76
N LEU B 349 7.37 30.37 -8.17
CA LEU B 349 6.79 29.31 -8.97
C LEU B 349 5.28 29.22 -9.05
N SER B 350 4.54 29.70 -8.04
CA SER B 350 3.07 29.64 -8.09
C SER B 350 2.50 30.06 -9.43
N PRO B 351 2.84 31.28 -9.91
CA PRO B 351 2.34 31.76 -11.20
C PRO B 351 2.47 30.71 -12.31
N PHE B 352 3.66 30.12 -12.41
CA PHE B 352 3.93 29.08 -13.40
C PHE B 352 3.09 27.84 -13.15
N GLN B 353 2.91 27.51 -11.87
CA GLN B 353 2.10 26.35 -11.49
C GLN B 353 0.65 26.55 -11.92
N ASN B 354 0.16 27.76 -11.76
CA ASN B 354 -1.20 28.11 -12.13
C ASN B 354 -1.29 28.28 -13.62
N LYS B 355 -0.31 28.92 -14.22
CA LYS B 355 -0.36 29.09 -15.65
C LYS B 355 -0.36 27.71 -16.33
N GLY B 356 0.51 26.79 -15.88
CA GLY B 356 0.59 25.46 -16.47
C GLY B 356 -0.71 24.70 -16.31
N LYS B 357 -1.22 24.71 -15.08
CA LYS B 357 -2.47 24.07 -14.69
C LYS B 357 -3.66 24.50 -15.64
N ALA B 358 -3.70 25.79 -15.99
CA ALA B 358 -4.71 26.34 -16.86
C ALA B 358 -4.50 25.94 -18.34
N GLN B 359 -3.26 25.72 -18.76
CA GLN B 359 -3.01 25.31 -20.14
C GLN B 359 -3.45 23.87 -20.37
N LEU B 360 -3.71 23.13 -19.29
CA LEU B 360 -4.17 21.73 -19.41
C LEU B 360 -5.61 21.71 -19.87
N GLU B 361 -6.30 22.78 -19.52
CA GLU B 361 -7.71 22.97 -19.80
C GLU B 361 -7.97 23.16 -21.31
N VAL B 362 -6.96 23.53 -22.06
CA VAL B 362 -7.08 23.78 -23.49
C VAL B 362 -7.20 22.57 -24.43
N LYS B 363 -8.08 22.71 -25.43
CA LYS B 363 -8.35 21.67 -26.45
C LYS B 363 -7.12 21.30 -27.24
N ILE B 364 -6.83 20.01 -27.34
CA ILE B 364 -5.64 19.56 -28.07
C ILE B 364 -6.03 18.63 -29.22
N GLY B 365 -7.35 18.40 -29.37
CA GLY B 365 -7.81 17.53 -30.43
C GLY B 365 -9.24 17.10 -30.25
N GLU B 366 -9.67 16.16 -31.09
CA GLU B 366 -11.03 15.67 -30.98
C GLU B 366 -11.27 14.28 -31.55
N THR B 367 -12.35 13.67 -31.07
CA THR B 367 -12.80 12.34 -31.43
C THR B 367 -14.28 12.36 -31.83
N ASN B 368 -14.64 11.49 -32.77
CA ASN B 368 -16.00 11.38 -33.30
C ASN B 368 -16.83 10.33 -32.57
N GLY B 369 -16.24 9.78 -31.51
CA GLY B 369 -16.89 8.75 -30.73
C GLY B 369 -16.16 8.48 -29.43
N ARG B 370 -16.86 7.89 -28.48
CA ARG B 370 -16.33 7.57 -27.18
C ARG B 370 -15.17 6.56 -27.20
N LEU B 371 -14.20 6.78 -26.32
CA LEU B 371 -13.07 5.85 -26.21
C LEU B 371 -13.25 5.16 -24.86
N GLU B 372 -13.52 3.86 -24.91
CA GLU B 372 -13.75 3.03 -23.72
C GLU B 372 -12.59 2.78 -22.81
N GLY B 373 -12.64 3.41 -21.65
CA GLY B 373 -11.63 3.25 -20.65
C GLY B 373 -12.24 2.70 -19.38
N ASP B 374 -13.55 2.42 -19.34
CA ASP B 374 -14.17 1.86 -18.13
C ASP B 374 -13.45 0.62 -17.61
N ARG B 375 -13.38 0.50 -16.27
CA ARG B 375 -12.70 -0.62 -15.62
C ARG B 375 -13.39 -1.93 -16.04
N ASP B 376 -14.71 -1.84 -16.23
CA ASP B 376 -15.60 -2.93 -16.65
C ASP B 376 -15.16 -3.50 -17.97
N LYS B 377 -14.57 -2.64 -18.80
CA LYS B 377 -14.12 -3.02 -20.13
C LYS B 377 -12.65 -3.34 -20.29
N VAL B 378 -11.81 -2.38 -19.94
CA VAL B 378 -10.37 -2.54 -20.12
C VAL B 378 -9.79 -3.74 -19.40
N ARG B 379 -10.51 -4.27 -18.41
CA ARG B 379 -10.00 -5.43 -17.70
C ARG B 379 -10.65 -6.73 -18.12
N PHE B 380 -11.52 -6.69 -19.12
CA PHE B 380 -12.18 -7.91 -19.58
C PHE B 380 -12.04 -8.13 -21.09
N VAL B 381 -12.15 -7.06 -21.84
CA VAL B 381 -12.08 -7.17 -23.27
C VAL B 381 -11.12 -6.12 -23.85
N GLN B 382 -10.73 -6.28 -25.11
CA GLN B 382 -9.88 -5.32 -25.78
C GLN B 382 -10.80 -4.12 -26.13
N THR B 383 -10.29 -2.90 -26.00
CA THR B 383 -11.09 -1.70 -26.28
C THR B 383 -10.36 -0.73 -27.21
N ASN B 384 -11.09 0.23 -27.81
CA ASN B 384 -10.47 1.19 -28.71
C ASN B 384 -9.56 2.20 -27.97
N MET B 385 -9.74 2.32 -26.65
CA MET B 385 -8.88 3.18 -25.85
C MET B 385 -7.50 2.47 -25.72
N GLY B 386 -7.50 1.16 -25.54
CA GLY B 386 -6.26 0.41 -25.43
C GLY B 386 -5.45 0.51 -26.72
N ARG B 387 -6.14 0.52 -27.87
CA ARG B 387 -5.54 0.59 -29.21
C ARG B 387 -5.01 1.98 -29.46
N LEU B 388 -5.72 3.00 -28.98
CA LEU B 388 -5.29 4.39 -29.19
C LEU B 388 -3.96 4.64 -28.45
N ILE B 389 -3.92 4.25 -27.18
CA ILE B 389 -2.76 4.41 -26.33
C ILE B 389 -1.56 3.71 -26.95
N LEU B 390 -1.71 2.42 -27.20
CA LEU B 390 -0.62 1.65 -27.77
C LEU B 390 -0.20 2.13 -29.17
N ALA B 391 -1.13 2.73 -29.91
CA ALA B 391 -0.82 3.27 -31.25
C ALA B 391 0.12 4.47 -31.04
N ALA B 392 -0.11 5.16 -29.92
CA ALA B 392 0.66 6.33 -29.52
C ALA B 392 2.05 5.94 -29.09
N GLN B 393 2.16 4.83 -28.37
CA GLN B 393 3.46 4.35 -27.93
C GLN B 393 4.29 3.87 -29.11
N MET B 394 3.67 3.16 -30.05
CA MET B 394 4.42 2.66 -31.20
C MET B 394 4.85 3.82 -32.07
N ASP B 395 4.01 4.84 -32.14
CA ASP B 395 4.34 6.00 -32.96
C ASP B 395 5.63 6.60 -32.39
N ARG B 396 5.65 6.85 -31.08
CA ARG B 396 6.81 7.46 -30.41
C ARG B 396 8.06 6.62 -30.38
N THR B 397 7.94 5.30 -30.31
CA THR B 397 9.10 4.46 -30.24
C THR B 397 9.42 3.77 -31.55
N GLY B 398 8.52 3.88 -32.51
CA GLY B 398 8.74 3.18 -33.77
C GLY B 398 8.69 1.67 -33.57
N ALA B 399 7.88 1.19 -32.63
CA ALA B 399 7.74 -0.23 -32.34
C ALA B 399 6.88 -0.95 -33.39
N ASP B 400 6.95 -2.28 -33.41
CA ASP B 400 6.19 -3.10 -34.35
C ASP B 400 4.85 -3.48 -33.71
N PHE B 401 4.86 -3.71 -32.40
CA PHE B 401 3.64 -4.04 -31.68
C PHE B 401 3.77 -3.49 -30.25
N ALA B 402 2.72 -3.60 -29.44
CA ALA B 402 2.82 -3.07 -28.11
C ALA B 402 1.84 -3.76 -27.19
N VAL B 403 2.09 -3.70 -25.89
CA VAL B 403 1.16 -4.30 -24.95
C VAL B 403 1.28 -3.56 -23.63
N MET B 404 0.18 -3.50 -22.89
CA MET B 404 0.19 -2.90 -21.55
C MET B 404 -0.94 -3.61 -20.81
N SER B 405 -0.99 -3.48 -19.50
CA SER B 405 -2.07 -4.14 -18.84
C SER B 405 -3.21 -3.14 -18.66
N GLY B 406 -4.43 -3.63 -18.86
CA GLY B 406 -5.63 -2.82 -18.77
C GLY B 406 -5.75 -2.03 -17.50
N GLY B 407 -5.19 -2.54 -16.40
CA GLY B 407 -5.26 -1.82 -15.15
C GLY B 407 -4.64 -0.43 -15.27
N GLY B 408 -3.83 -0.23 -16.31
CA GLY B 408 -3.18 1.04 -16.53
C GLY B 408 -4.05 2.12 -17.11
N ILE B 409 -5.20 1.73 -17.67
CA ILE B 409 -6.14 2.70 -18.28
C ILE B 409 -7.12 3.08 -17.21
N ARG B 410 -7.08 4.33 -16.81
CA ARG B 410 -7.89 4.77 -15.68
C ARG B 410 -9.21 5.46 -15.97
N ASP B 411 -9.49 5.76 -17.24
CA ASP B 411 -10.74 6.44 -17.52
C ASP B 411 -11.02 6.43 -19.01
N SER B 412 -12.19 6.94 -19.39
CA SER B 412 -12.62 7.03 -20.78
C SER B 412 -12.61 8.46 -21.25
N ILE B 413 -12.68 8.67 -22.55
CA ILE B 413 -12.78 10.01 -23.13
C ILE B 413 -14.08 10.03 -23.94
N GLU B 414 -14.93 11.02 -23.67
CA GLU B 414 -16.21 11.18 -24.37
C GLU B 414 -16.01 11.79 -25.76
N ALA B 415 -16.92 11.49 -26.70
CA ALA B 415 -16.83 12.02 -28.07
C ALA B 415 -16.78 13.53 -27.97
N GLY B 416 -16.09 14.18 -28.91
CA GLY B 416 -15.99 15.62 -28.86
C GLY B 416 -14.56 16.10 -28.71
N ASP B 417 -14.39 17.24 -28.04
CA ASP B 417 -13.08 17.85 -27.83
C ASP B 417 -12.32 17.13 -26.74
N ILE B 418 -11.00 17.16 -26.84
CA ILE B 418 -10.14 16.53 -25.84
C ILE B 418 -9.14 17.61 -25.40
N SER B 419 -8.97 17.76 -24.08
CA SER B 419 -8.02 18.69 -23.48
C SER B 419 -6.94 17.80 -22.88
N TYR B 420 -5.84 18.40 -22.43
CA TYR B 420 -4.76 17.60 -21.85
C TYR B 420 -5.27 17.01 -20.50
N LYS B 421 -6.12 17.74 -19.77
CA LYS B 421 -6.68 17.15 -18.55
C LYS B 421 -7.40 15.83 -18.80
N ASN B 422 -8.09 15.70 -19.96
CA ASN B 422 -8.80 14.45 -20.30
C ASN B 422 -7.79 13.32 -20.39
N VAL B 423 -6.74 13.56 -21.18
CA VAL B 423 -5.67 12.63 -21.35
C VAL B 423 -5.05 12.26 -19.98
N LEU B 424 -4.90 13.24 -19.09
CA LEU B 424 -4.32 12.96 -17.77
C LEU B 424 -5.18 12.18 -16.85
N LYS B 425 -6.48 12.11 -17.10
CA LYS B 425 -7.28 11.28 -16.21
C LYS B 425 -7.19 9.84 -16.69
N VAL B 426 -6.89 9.64 -17.96
CA VAL B 426 -6.75 8.29 -18.51
C VAL B 426 -5.38 7.68 -18.18
N GLN B 427 -4.36 8.55 -18.14
CA GLN B 427 -2.94 8.23 -17.85
C GLN B 427 -2.48 9.19 -16.74
N PRO B 428 -2.87 8.94 -15.48
CA PRO B 428 -2.48 9.81 -14.37
C PRO B 428 -1.22 9.47 -13.60
N PHE B 429 -0.65 8.30 -13.81
CA PHE B 429 0.52 7.87 -13.02
C PHE B 429 1.90 8.19 -13.54
N GLY B 430 1.98 8.84 -14.70
CA GLY B 430 3.26 9.22 -15.23
C GLY B 430 4.27 8.09 -15.39
N ASN B 431 3.83 6.97 -15.94
CA ASN B 431 4.75 5.87 -16.22
C ASN B 431 5.56 6.34 -17.41
N VAL B 432 6.61 5.60 -17.73
CA VAL B 432 7.47 5.96 -18.84
C VAL B 432 7.33 4.92 -19.95
N VAL B 433 7.33 5.41 -21.19
CA VAL B 433 7.23 4.56 -22.36
C VAL B 433 8.63 3.99 -22.58
N VAL B 434 8.70 2.68 -22.77
CA VAL B 434 9.98 2.03 -22.97
C VAL B 434 9.78 1.14 -24.17
N TYR B 435 10.88 0.67 -24.76
CA TYR B 435 10.78 -0.26 -25.87
C TYR B 435 11.89 -1.28 -25.67
N ALA B 436 11.80 -2.39 -26.39
CA ALA B 436 12.78 -3.44 -26.29
C ALA B 436 12.85 -4.16 -27.61
N ASP B 437 14.05 -4.26 -28.21
CA ASP B 437 14.16 -5.01 -29.43
C ASP B 437 14.30 -6.48 -29.00
N MET B 438 13.50 -7.33 -29.62
CA MET B 438 13.51 -8.74 -29.30
C MET B 438 13.62 -9.50 -30.60
N THR B 439 13.87 -10.79 -30.51
CA THR B 439 13.94 -11.60 -31.69
C THR B 439 12.70 -12.50 -31.68
N GLY B 440 12.24 -12.87 -32.87
CA GLY B 440 11.07 -13.69 -33.04
C GLY B 440 10.77 -14.80 -32.03
N LYS B 441 11.79 -15.46 -31.50
CA LYS B 441 11.56 -16.54 -30.55
C LYS B 441 11.18 -15.99 -29.18
N GLU B 442 11.51 -14.72 -28.95
CA GLU B 442 11.20 -14.11 -27.67
C GLU B 442 9.78 -13.53 -27.61
N VAL B 443 9.36 -12.91 -28.71
CA VAL B 443 8.01 -12.31 -28.77
C VAL B 443 7.01 -13.44 -28.52
N ILE B 444 7.37 -14.63 -28.97
CA ILE B 444 6.55 -15.82 -28.81
C ILE B 444 6.55 -16.31 -27.37
N ASP B 445 7.71 -16.34 -26.75
CA ASP B 445 7.77 -16.76 -25.37
C ASP B 445 7.16 -15.65 -24.54
N TYR B 446 7.31 -14.39 -25.00
CA TYR B 446 6.78 -13.22 -24.28
C TYR B 446 5.25 -13.19 -24.32
N LEU B 447 4.70 -13.10 -25.53
CA LEU B 447 3.27 -13.06 -25.69
C LEU B 447 2.62 -14.26 -24.99
N THR B 448 3.20 -15.46 -25.18
CA THR B 448 2.69 -16.69 -24.58
C THR B 448 2.40 -16.55 -23.09
N ALA B 449 3.32 -15.89 -22.39
CA ALA B 449 3.20 -15.68 -20.95
C ALA B 449 2.15 -14.63 -20.63
N VAL B 450 2.21 -13.52 -21.38
CA VAL B 450 1.29 -12.42 -21.18
C VAL B 450 -0.12 -12.89 -21.46
N ALA B 451 -0.27 -13.73 -22.50
CA ALA B 451 -1.57 -14.27 -22.87
C ALA B 451 -2.26 -15.00 -21.72
N GLN B 452 -1.52 -15.43 -20.72
CA GLN B 452 -2.12 -16.16 -19.63
C GLN B 452 -2.72 -15.36 -18.49
N MET B 453 -2.51 -14.04 -18.50
CA MET B 453 -3.09 -13.25 -17.41
C MET B 453 -4.59 -13.33 -17.64
N LYS B 454 -5.36 -13.42 -16.57
CA LYS B 454 -6.80 -13.57 -16.72
C LYS B 454 -7.58 -12.26 -16.69
N PRO B 455 -8.76 -12.23 -17.34
CA PRO B 455 -9.55 -11.00 -17.34
C PRO B 455 -10.09 -10.77 -15.95
N ASP B 456 -10.80 -9.67 -15.78
CA ASP B 456 -11.34 -9.29 -14.49
C ASP B 456 -10.20 -9.12 -13.48
N SER B 457 -9.04 -8.68 -13.98
CA SER B 457 -7.86 -8.40 -13.14
C SER B 457 -7.08 -7.22 -13.75
N GLY B 458 -6.51 -6.37 -12.90
CA GLY B 458 -5.71 -5.27 -13.42
C GLY B 458 -4.66 -5.74 -14.44
N ALA B 459 -4.31 -7.02 -14.42
CA ALA B 459 -3.32 -7.60 -15.34
C ALA B 459 -3.80 -8.01 -16.73
N TYR B 460 -5.11 -8.00 -16.96
CA TYR B 460 -5.64 -8.35 -18.27
C TYR B 460 -4.92 -7.53 -19.36
N PRO B 461 -4.27 -8.18 -20.32
CA PRO B 461 -3.60 -7.40 -21.35
C PRO B 461 -4.36 -6.76 -22.49
N GLN B 462 -3.85 -5.60 -22.95
CA GLN B 462 -4.35 -4.87 -24.10
C GLN B 462 -3.23 -5.02 -25.13
N PHE B 463 -3.59 -5.45 -26.35
CA PHE B 463 -2.61 -5.67 -27.44
C PHE B 463 -2.79 -4.71 -28.62
N ALA B 464 -1.78 -4.63 -29.48
CA ALA B 464 -1.83 -3.78 -30.66
C ALA B 464 -0.84 -4.36 -31.66
N ASN B 465 -1.37 -4.84 -32.79
CA ASN B 465 -0.59 -5.47 -33.87
C ASN B 465 -0.21 -6.90 -33.61
N VAL B 466 -0.93 -7.57 -32.70
CA VAL B 466 -0.68 -8.98 -32.42
C VAL B 466 -2.02 -9.73 -32.64
N SER B 467 -1.94 -10.84 -33.36
CA SER B 467 -3.11 -11.65 -33.65
C SER B 467 -2.79 -13.06 -33.15
N PHE B 468 -3.75 -13.70 -32.50
CA PHE B 468 -3.52 -15.05 -32.04
C PHE B 468 -4.81 -15.71 -31.54
N VAL B 469 -4.70 -16.97 -31.17
CA VAL B 469 -5.85 -17.70 -30.66
C VAL B 469 -5.38 -18.70 -29.58
N LYS B 474 -2.79 -22.27 -26.54
CA LYS B 474 -1.32 -21.99 -26.50
C LYS B 474 -0.80 -21.08 -27.65
N LEU B 475 -1.60 -20.08 -28.00
CA LEU B 475 -1.32 -19.09 -29.07
C LEU B 475 -1.16 -19.66 -30.47
N ASN B 476 -2.27 -19.91 -31.12
CA ASN B 476 -2.26 -20.42 -32.47
C ASN B 476 -2.33 -19.32 -33.45
N ASP B 477 -1.64 -19.53 -34.57
CA ASP B 477 -1.58 -18.56 -35.64
C ASP B 477 -1.28 -17.15 -35.10
N LEU B 478 -0.02 -16.94 -34.73
CA LEU B 478 0.45 -15.68 -34.18
C LEU B 478 1.03 -14.84 -35.31
N LYS B 479 0.66 -13.57 -35.33
CA LYS B 479 1.15 -12.66 -36.37
C LYS B 479 1.41 -11.29 -35.77
N ILE B 480 2.25 -10.51 -36.45
CA ILE B 480 2.61 -9.17 -36.03
C ILE B 480 2.65 -8.27 -37.26
N LYS B 481 1.71 -7.32 -37.35
CA LYS B 481 1.61 -6.40 -38.49
C LYS B 481 1.01 -7.10 -39.71
N GLY B 482 0.39 -8.26 -39.48
CA GLY B 482 -0.24 -9.01 -40.57
C GLY B 482 0.41 -10.32 -40.97
N GLU B 483 1.72 -10.43 -40.76
CA GLU B 483 2.49 -11.62 -41.14
C GLU B 483 2.90 -12.47 -39.92
N PRO B 484 3.29 -13.74 -40.12
CA PRO B 484 3.73 -14.68 -39.07
C PRO B 484 5.06 -14.22 -38.47
N VAL B 485 5.29 -14.60 -37.23
CA VAL B 485 6.49 -14.23 -36.52
C VAL B 485 7.73 -15.05 -36.89
N ASP B 486 8.73 -14.40 -37.47
CA ASP B 486 9.96 -15.10 -37.85
C ASP B 486 10.84 -15.25 -36.61
N PRO B 487 11.03 -16.49 -36.14
CA PRO B 487 11.84 -16.83 -34.96
C PRO B 487 13.26 -16.24 -35.03
N ALA B 488 13.69 -15.95 -36.25
CA ALA B 488 15.03 -15.42 -36.50
C ALA B 488 15.06 -13.91 -36.67
N LYS B 489 13.89 -13.29 -36.80
CA LYS B 489 13.82 -11.85 -36.99
C LYS B 489 13.67 -11.06 -35.67
N THR B 490 14.16 -9.84 -35.68
CA THR B 490 14.08 -8.96 -34.51
C THR B 490 12.93 -7.96 -34.63
N TYR B 491 12.01 -8.03 -33.67
CA TYR B 491 10.84 -7.14 -33.63
C TYR B 491 10.99 -6.21 -32.44
N ARG B 492 10.50 -4.99 -32.57
CA ARG B 492 10.56 -4.05 -31.46
C ARG B 492 9.20 -3.98 -30.82
N MET B 493 9.16 -4.08 -29.49
CA MET B 493 7.91 -4.02 -28.78
C MET B 493 7.94 -2.77 -27.92
N ALA B 494 6.78 -2.14 -27.72
CA ALA B 494 6.65 -0.93 -26.88
C ALA B 494 5.76 -1.26 -25.70
N THR B 495 5.95 -0.55 -24.60
CA THR B 495 5.13 -0.77 -23.41
C THR B 495 5.49 0.24 -22.36
N LEU B 496 5.05 0.01 -21.13
CA LEU B 496 5.34 0.92 -20.01
C LEU B 496 6.39 0.40 -19.04
N ASN B 497 7.24 1.29 -18.55
CA ASN B 497 8.26 0.87 -17.58
C ASN B 497 7.64 0.01 -16.46
N PHE B 498 6.40 0.34 -16.09
CA PHE B 498 5.68 -0.40 -15.05
C PHE B 498 5.60 -1.89 -15.33
N ASN B 499 5.15 -2.27 -16.53
CA ASN B 499 5.05 -3.69 -16.87
C ASN B 499 6.41 -4.31 -17.25
N ALA B 500 7.26 -3.48 -17.85
CA ALA B 500 8.60 -3.89 -18.31
C ALA B 500 9.43 -4.39 -17.14
N THR B 501 9.18 -3.81 -15.98
CA THR B 501 9.88 -4.18 -14.79
C THR B 501 9.11 -5.26 -14.04
N GLY B 502 8.15 -5.89 -14.74
CA GLY B 502 7.36 -6.93 -14.13
C GLY B 502 6.13 -6.54 -13.35
N GLY B 503 5.66 -5.29 -13.44
CA GLY B 503 4.44 -4.93 -12.73
C GLY B 503 3.35 -5.83 -13.30
N ASP B 504 2.36 -6.19 -12.48
CA ASP B 504 1.28 -7.10 -12.93
C ASP B 504 1.82 -8.48 -13.37
N GLY B 505 2.86 -8.93 -12.69
CA GLY B 505 3.45 -10.21 -12.99
C GLY B 505 4.04 -10.32 -14.38
N TYR B 506 3.99 -9.28 -15.18
CA TYR B 506 4.56 -9.42 -16.52
C TYR B 506 6.06 -9.74 -16.54
N PRO B 507 6.51 -10.44 -17.59
CA PRO B 507 7.90 -10.87 -17.84
C PRO B 507 8.83 -9.65 -17.79
N ARG B 508 10.00 -9.76 -17.18
CA ARG B 508 10.89 -8.59 -17.18
C ARG B 508 11.74 -8.42 -18.43
N LEU B 509 11.66 -7.24 -19.03
CA LEU B 509 12.40 -6.88 -20.24
C LEU B 509 13.42 -5.94 -19.63
N ASP B 510 13.05 -5.57 -18.43
CA ASP B 510 13.80 -4.70 -17.58
C ASP B 510 15.28 -4.94 -17.71
N ASN B 511 15.65 -6.16 -17.34
CA ASN B 511 17.03 -6.63 -17.32
C ASN B 511 17.51 -7.42 -18.53
N LYS B 512 17.11 -7.03 -19.73
CA LYS B 512 17.54 -7.77 -20.91
C LYS B 512 18.10 -6.79 -21.90
N PRO B 513 19.15 -7.19 -22.62
CA PRO B 513 19.72 -6.26 -23.61
C PRO B 513 18.63 -5.89 -24.65
N GLY B 514 18.82 -4.79 -25.38
CA GLY B 514 17.82 -4.39 -26.36
C GLY B 514 16.83 -3.39 -25.79
N TYR B 515 16.63 -3.46 -24.48
CA TYR B 515 15.73 -2.59 -23.73
C TYR B 515 16.16 -1.13 -23.65
N VAL B 516 15.23 -0.24 -24.00
CA VAL B 516 15.47 1.20 -23.93
C VAL B 516 14.34 1.93 -23.16
N ASN B 517 14.69 2.64 -22.12
CA ASN B 517 13.74 3.42 -21.36
C ASN B 517 13.84 4.80 -22.03
N THR B 518 12.79 5.26 -22.69
CA THR B 518 12.86 6.53 -23.42
C THR B 518 12.78 7.78 -22.58
N GLY B 519 12.27 7.67 -21.36
CA GLY B 519 12.16 8.86 -20.55
C GLY B 519 10.91 9.66 -20.92
N PHE B 520 10.17 9.22 -21.93
CA PHE B 520 8.95 9.95 -22.26
C PHE B 520 7.80 9.44 -21.41
N ILE B 521 6.93 10.33 -21.00
CA ILE B 521 5.81 9.99 -20.12
C ILE B 521 4.57 9.55 -20.88
N ASP B 522 3.87 8.56 -20.32
CA ASP B 522 2.67 8.03 -20.92
C ASP B 522 1.68 9.10 -21.42
N ALA B 523 1.26 10.01 -20.55
CA ALA B 523 0.30 11.06 -20.95
C ALA B 523 0.78 11.97 -22.08
N GLU B 524 2.06 12.29 -22.11
CA GLU B 524 2.61 13.17 -23.14
C GLU B 524 2.63 12.45 -24.48
N VAL B 525 3.02 11.17 -24.48
CA VAL B 525 3.06 10.39 -25.70
C VAL B 525 1.65 10.29 -26.24
N LEU B 526 0.64 10.12 -25.36
CA LEU B 526 -0.77 10.07 -25.79
C LEU B 526 -1.27 11.46 -26.30
N LYS B 527 -1.00 12.53 -25.56
CA LYS B 527 -1.39 13.88 -26.00
C LYS B 527 -0.83 14.23 -27.37
N ALA B 528 0.42 13.87 -27.60
CA ALA B 528 1.09 14.17 -28.85
C ALA B 528 0.50 13.44 -30.06
N TYR B 529 0.07 12.20 -29.86
CA TYR B 529 -0.48 11.43 -30.97
C TYR B 529 -1.90 11.91 -31.31
N ILE B 530 -2.70 12.18 -30.29
CA ILE B 530 -4.04 12.68 -30.49
C ILE B 530 -3.97 14.02 -31.21
N GLN B 531 -3.12 14.89 -30.71
CA GLN B 531 -2.95 16.21 -31.26
C GLN B 531 -2.38 16.15 -32.66
N LYS B 532 -1.66 15.08 -32.93
CA LYS B 532 -1.04 14.84 -34.20
C LYS B 532 -2.00 14.13 -35.11
N SER B 533 -2.96 13.39 -34.55
CA SER B 533 -3.90 12.61 -35.39
C SER B 533 -5.35 13.13 -35.46
N SER B 534 -5.65 14.13 -34.65
CA SER B 534 -6.98 14.69 -34.61
C SER B 534 -7.34 15.15 -36.01
N PRO B 535 -8.62 15.06 -36.40
CA PRO B 535 -9.81 14.56 -35.69
C PRO B 535 -9.71 13.02 -35.66
N LEU B 536 -9.96 12.40 -34.50
CA LEU B 536 -9.90 10.95 -34.40
C LEU B 536 -11.17 10.26 -34.87
N ASP B 537 -11.00 9.23 -35.66
CA ASP B 537 -12.12 8.44 -36.14
C ASP B 537 -12.04 7.16 -35.33
N VAL B 538 -12.92 7.03 -34.33
CA VAL B 538 -12.93 5.85 -33.45
C VAL B 538 -13.08 4.49 -34.13
N SER B 539 -13.51 4.51 -35.38
CA SER B 539 -13.69 3.30 -36.17
C SER B 539 -12.33 2.64 -36.44
N VAL B 540 -11.34 3.49 -36.67
CA VAL B 540 -9.96 3.08 -36.91
C VAL B 540 -9.36 2.26 -35.78
N TYR B 541 -9.74 2.59 -34.52
CA TYR B 541 -9.21 1.89 -33.34
C TYR B 541 -10.08 0.82 -32.76
N GLU B 542 -11.07 0.39 -33.52
CA GLU B 542 -11.95 -0.65 -33.07
C GLU B 542 -11.37 -2.03 -33.23
N PRO B 543 -11.16 -2.74 -32.12
CA PRO B 543 -10.63 -4.10 -32.26
C PRO B 543 -11.64 -5.01 -32.97
N LYS B 544 -11.16 -5.80 -33.91
CA LYS B 544 -12.00 -6.71 -34.70
C LYS B 544 -11.65 -8.13 -34.29
N GLY B 545 -11.61 -8.37 -32.99
CA GLY B 545 -11.30 -9.69 -32.51
C GLY B 545 -10.03 -10.33 -33.06
N GLU B 546 -8.96 -9.57 -33.30
CA GLU B 546 -7.75 -10.23 -33.76
C GLU B 546 -6.99 -11.04 -32.70
N VAL B 547 -7.47 -11.04 -31.46
CA VAL B 547 -6.85 -11.88 -30.42
C VAL B 547 -8.04 -12.54 -29.73
N SER B 548 -7.95 -13.85 -29.46
CA SER B 548 -9.06 -14.57 -28.82
C SER B 548 -8.61 -15.67 -27.86
N TRP B 549 -9.56 -16.24 -27.10
CA TRP B 549 -9.24 -17.25 -26.09
C TRP B 549 -10.16 -18.48 -26.22
ZN ZN C . -15.95 -11.56 18.52
ZN ZN D . -17.80 -11.11 21.25
W WO4 E . -9.09 3.16 -7.30
O1 WO4 E . -9.21 4.90 -7.09
O2 WO4 E . -7.40 2.59 -7.18
O3 WO4 E . -10.05 2.35 -6.04
O4 WO4 E . -9.74 2.72 -8.89
W WO4 F . -10.51 0.32 -6.05
O1 WO4 F . -10.67 1.48 -4.69
O2 WO4 F . -9.41 0.97 -7.28
O3 WO4 F . -12.07 0.03 -6.80
O4 WO4 F . -9.84 -1.22 -5.55
ZN ZN G . -19.82 -0.10 -16.28
ZN ZN H . -6.32 -7.58 12.21
ZN ZN I . -9.07 -2.21 -3.59
ZN ZN J . 16.76 11.49 -17.42
ZN ZN K . 19.07 11.18 -19.74
W WO4 L . -4.69 1.29 -3.73
O1 WO4 L . -5.24 2.84 -3.06
O2 WO4 L . -3.08 0.87 -3.15
O3 WO4 L . -4.58 1.46 -5.51
O4 WO4 L . -5.78 -0.04 -3.21
W WO4 M . -6.74 0.01 -8.18
O1 WO4 M . -6.04 1.29 -7.16
O2 WO4 M . -5.50 -0.57 -9.28
O3 WO4 M . -7.33 -1.44 -7.29
O4 WO4 M . -8.14 0.68 -9.04
ZN ZN N . 32.12 -1.51 -22.75
ZN ZN O . 28.06 -9.54 -17.48
#